data_5N6N
#
_entry.id   5N6N
#
_cell.length_a   160.805
_cell.length_b   104.749
_cell.length_c   105.638
_cell.angle_alpha   90.00
_cell.angle_beta   121.89
_cell.angle_gamma   90.00
#
_symmetry.space_group_name_H-M   'C 1 2 1'
#
loop_
_entity.id
_entity.type
_entity.pdbx_description
1 polymer 'Protein BMH1'
2 polymer 'Neutral trehalase'
3 branched beta-D-fructofuranose-(2-1)-alpha-D-glucopyranose
4 non-polymer 'CALCIUM ION'
5 water water
#
loop_
_entity_poly.entity_id
_entity_poly.type
_entity_poly.pdbx_seq_one_letter_code
_entity_poly.pdbx_strand_id
1 'polypeptide(L)'
;GSHMMSTSREDSVYLAKLAEQAERYEEMVENMKTVASSGQELSVEERNLLSVAYKNVIGARRASWRIVSSIEQKEESKEK
SEHQVELI(CAS)SYRSKIETELTKISDDILSVLDSHLIPSATTGESKVFYYKMKGDYHRYLAEFSSGDAREKATNASLE
AYKTASEIATTELPPTHPIRLGLALNFSVFYYEIQNSPDKA(CAS)HLAKQAFDDAIAELDTLSEESYKDSTLIMQLLRD
NLTLWTSD
;
A,B
2 'polypeptide(L)'
;GSAMAMSQVNTSQGPVAQGRQRRLSSLSEFNDPFSNAEVYYGPPTDPRKQKQAKPAKINRTRTM(SEP)VFDNVSPFKKT
GFGKLQQTRRG(SEP)EDDTYSSSQGNRRFFIEDVDKTLNELLAAEDTDKNYQITIEDTGPKVLKVGTANSYGYKHINIR
GTYMLSNLLQELTIAKSFGRHQIFLDEARINENPVNRLSRLINTQFWNSLTRRVDLNNVGEIAKDTKIDTPGAKNPRIYV
PYDCPEQYEFYVQASQMHPSLKLEVEYLPKKITAEYVKSVNDTPGLLALAMEEHFNPSTGEKTLIGYPYAVPGGRFNELY
GWDSYMMALGLLEANKTDVARGMVEHFIFEINHYGKILNANRSYYL(CAS)RSQPPFLTEMALVVFKKLGGRSNPDAVDL
LKRAFQASIKEYKTVWTASPRLDPETGLSRYHPNGLGIPPETESDHFDTVLLPYASKHGVTLDEFKQLYNDGKIKEPKLD
EFFLHDRGVRESGHDTTYRFEGVCAYLATIDLNSLLYKYEIDIADFIKEFCDDKYEDPLDHSITTSAMWKEMAKIRQEKI
TKYMWDDESGFFFDYNTKIKHRTSYESATTFWALWAGLATKEQAQKMVEKALPKLEMLGGLAACTERSRGPISISRPIRQ
WDYPFGWAPHQILAWEGLRSYGYLTVTNRLAYRWLFMMTKAFVDYNGIVVEKYDVTRGTDPHRVEAEYGNQGADFKGAAT
EGFGWVNASYILGLKYMNSHARRALGACIPPISFFSSLRPQERNLYGL
;
C
#
# COMPACT_ATOMS: atom_id res chain seq x y z
N ARG A 9 -0.64 41.55 -17.63
CA ARG A 9 -0.35 40.22 -18.17
C ARG A 9 0.26 39.36 -17.08
N GLU A 10 1.36 39.85 -16.51
CA GLU A 10 1.89 39.19 -15.33
C GLU A 10 0.86 39.19 -14.21
N ASP A 11 -0.08 40.16 -14.26
CA ASP A 11 -1.20 40.20 -13.34
C ASP A 11 -2.20 39.11 -13.66
N SER A 12 -2.61 39.04 -14.94
CA SER A 12 -3.53 38.00 -15.36
C SER A 12 -3.00 36.61 -15.01
N VAL A 13 -1.69 36.40 -15.11
CA VAL A 13 -1.14 35.11 -14.70
C VAL A 13 -1.35 34.87 -13.21
N TYR A 14 -0.98 35.86 -12.38
CA TYR A 14 -1.13 35.71 -10.94
C TYR A 14 -2.59 35.46 -10.55
N LEU A 15 -3.52 36.13 -11.22
CA LEU A 15 -4.93 35.97 -10.91
C LEU A 15 -5.50 34.64 -11.42
N ALA A 16 -4.85 34.03 -12.41
CA ALA A 16 -5.23 32.69 -12.80
C ALA A 16 -4.76 31.67 -11.76
N LYS A 17 -3.58 31.86 -11.19
CA LYS A 17 -3.09 30.97 -10.16
C LYS A 17 -3.96 31.05 -8.92
N LEU A 18 -4.49 32.24 -8.63
CA LEU A 18 -5.37 32.41 -7.49
C LEU A 18 -6.71 31.74 -7.75
N ALA A 19 -7.26 31.91 -8.96
CA ALA A 19 -8.56 31.33 -9.26
C ALA A 19 -8.49 29.81 -9.20
N GLU A 20 -7.39 29.23 -9.69
CA GLU A 20 -7.16 27.80 -9.54
C GLU A 20 -7.22 27.37 -8.08
N GLN A 21 -6.53 28.10 -7.21
CA GLN A 21 -6.57 27.76 -5.79
C GLN A 21 -7.99 27.86 -5.25
N ALA A 22 -8.74 28.88 -5.65
CA ALA A 22 -10.14 28.99 -5.25
C ALA A 22 -11.04 28.02 -5.98
N GLU A 23 -10.50 27.26 -6.95
CA GLU A 23 -11.28 26.34 -7.78
C GLU A 23 -12.47 27.03 -8.43
N ARG A 24 -12.22 28.23 -8.95
CA ARG A 24 -13.17 29.02 -9.71
C ARG A 24 -12.60 29.06 -11.13
N TYR A 25 -12.98 28.08 -11.95
CA TYR A 25 -12.19 27.84 -13.15
C TYR A 25 -12.62 28.69 -14.33
N GLU A 26 -13.87 29.13 -14.36
CA GLU A 26 -14.26 30.08 -15.41
C GLU A 26 -13.51 31.41 -15.27
N GLU A 27 -13.22 31.86 -14.05
CA GLU A 27 -12.34 33.01 -13.89
C GLU A 27 -10.91 32.68 -14.29
N MET A 28 -10.46 31.46 -14.00
CA MET A 28 -9.14 31.03 -14.47
C MET A 28 -9.06 31.08 -15.99
N VAL A 29 -10.16 30.73 -16.68
CA VAL A 29 -10.17 30.81 -18.13
C VAL A 29 -10.01 32.25 -18.60
N GLU A 30 -10.78 33.17 -18.01
CA GLU A 30 -10.73 34.58 -18.42
C GLU A 30 -9.32 35.13 -18.32
N ASN A 31 -8.67 34.92 -17.18
CA ASN A 31 -7.30 35.40 -17.02
C ASN A 31 -6.37 34.75 -18.05
N MET A 32 -6.43 33.42 -18.18
CA MET A 32 -5.53 32.76 -19.13
C MET A 32 -5.88 33.11 -20.56
N LYS A 33 -7.15 33.42 -20.84
CA LYS A 33 -7.55 33.78 -22.20
C LYS A 33 -6.87 35.07 -22.66
N THR A 34 -6.93 36.12 -21.83
CA THR A 34 -6.31 37.37 -22.27
C THR A 34 -4.80 37.23 -22.36
N VAL A 35 -4.20 36.35 -21.56
CA VAL A 35 -2.76 36.08 -21.67
C VAL A 35 -2.42 35.41 -23.00
N ALA A 36 -3.23 34.45 -23.43
CA ALA A 36 -3.00 33.75 -24.69
C ALA A 36 -3.34 34.62 -25.91
N SER A 37 -4.14 35.68 -25.72
CA SER A 37 -4.45 36.59 -26.83
C SER A 37 -3.29 37.54 -27.12
N SER A 38 -2.68 38.13 -26.08
CA SER A 38 -1.49 38.95 -26.27
C SER A 38 -0.41 38.16 -26.99
N GLY A 39 0.36 38.86 -27.82
CA GLY A 39 1.17 38.19 -28.82
C GLY A 39 2.19 37.20 -28.28
N GLN A 40 2.74 37.45 -27.09
CA GLN A 40 3.89 36.67 -26.62
C GLN A 40 3.54 35.19 -26.43
N GLU A 41 4.51 34.32 -26.74
CA GLU A 41 4.34 32.88 -26.55
C GLU A 41 4.26 32.54 -25.07
N LEU A 42 3.55 31.45 -24.75
CA LEU A 42 3.38 31.03 -23.37
C LEU A 42 4.54 30.15 -22.93
N SER A 43 4.90 30.25 -21.66
CA SER A 43 5.93 29.38 -21.12
C SER A 43 5.37 27.96 -20.98
N VAL A 44 6.15 27.05 -20.41
CA VAL A 44 5.57 25.76 -20.04
C VAL A 44 4.44 25.98 -19.05
N GLU A 45 4.73 26.70 -17.95
CA GLU A 45 3.76 26.88 -16.88
C GLU A 45 2.49 27.54 -17.38
N GLU A 46 2.61 28.47 -18.33
CA GLU A 46 1.45 29.22 -18.77
C GLU A 46 0.56 28.38 -19.68
N ARG A 47 1.15 27.53 -20.53
CA ARG A 47 0.26 26.75 -21.37
C ARG A 47 -0.43 25.65 -20.57
N ASN A 48 0.24 25.13 -19.54
CA ASN A 48 -0.44 24.20 -18.64
C ASN A 48 -1.56 24.90 -17.86
N LEU A 49 -1.35 26.16 -17.48
CA LEU A 49 -2.42 26.90 -16.81
C LEU A 49 -3.61 27.08 -17.73
N LEU A 50 -3.35 27.36 -19.01
CA LEU A 50 -4.43 27.51 -19.97
C LEU A 50 -5.18 26.19 -20.17
N SER A 51 -4.46 25.08 -20.31
CA SER A 51 -5.12 23.79 -20.50
C SER A 51 -5.94 23.41 -19.29
N VAL A 52 -5.39 23.60 -18.08
CA VAL A 52 -6.11 23.21 -16.86
C VAL A 52 -7.37 24.04 -16.72
N ALA A 53 -7.30 25.32 -17.09
CA ALA A 53 -8.46 26.19 -17.01
C ALA A 53 -9.58 25.69 -17.91
N TYR A 54 -9.28 25.49 -19.20
CA TYR A 54 -10.34 25.11 -20.12
C TYR A 54 -10.81 23.69 -19.88
N LYS A 55 -9.91 22.78 -19.48
CA LYS A 55 -10.32 21.38 -19.28
C LYS A 55 -11.24 21.24 -18.08
N ASN A 56 -10.97 21.99 -17.01
CA ASN A 56 -11.87 21.97 -15.87
C ASN A 56 -13.22 22.58 -16.21
N VAL A 57 -13.25 23.57 -17.10
CA VAL A 57 -14.51 24.24 -17.43
C VAL A 57 -15.37 23.36 -18.32
N ILE A 58 -14.78 22.76 -19.35
CA ILE A 58 -15.57 21.87 -20.18
C ILE A 58 -15.86 20.58 -19.44
N GLY A 59 -14.96 20.16 -18.55
CA GLY A 59 -15.12 18.89 -17.87
C GLY A 59 -16.39 18.80 -17.06
N ALA A 60 -16.77 19.91 -16.40
CA ALA A 60 -18.00 19.93 -15.61
C ALA A 60 -19.22 19.75 -16.52
N ARG A 61 -19.20 20.34 -17.73
CA ARG A 61 -20.34 20.16 -18.62
C ARG A 61 -20.39 18.75 -19.19
N ARG A 62 -19.20 18.16 -19.47
CA ARG A 62 -19.14 16.80 -19.98
C ARG A 62 -19.75 15.83 -18.98
N ALA A 63 -19.36 15.96 -17.72
CA ALA A 63 -19.93 15.11 -16.67
C ALA A 63 -21.44 15.32 -16.56
N SER A 64 -21.90 16.57 -16.61
CA SER A 64 -23.33 16.84 -16.55
C SER A 64 -24.04 16.26 -17.77
N TRP A 65 -23.48 16.51 -18.96
CA TRP A 65 -24.06 15.97 -20.17
C TRP A 65 -24.24 14.46 -20.07
N ARG A 66 -23.25 13.76 -19.51
CA ARG A 66 -23.30 12.30 -19.51
C ARG A 66 -24.35 11.79 -18.52
N ILE A 67 -24.43 12.42 -17.35
CA ILE A 67 -25.40 11.97 -16.35
C ILE A 67 -26.83 12.30 -16.81
N VAL A 68 -27.03 13.43 -17.50
CA VAL A 68 -28.35 13.78 -18.04
C VAL A 68 -28.73 12.85 -19.20
N SER A 69 -27.76 12.53 -20.06
CA SER A 69 -28.02 11.56 -21.12
C SER A 69 -28.49 10.22 -20.56
N SER A 70 -27.82 9.72 -19.51
CA SER A 70 -28.24 8.44 -18.96
C SER A 70 -29.64 8.54 -18.38
N ILE A 71 -29.95 9.64 -17.68
CA ILE A 71 -31.30 9.83 -17.16
C ILE A 71 -32.31 9.84 -18.29
N GLU A 72 -31.99 10.54 -19.38
CA GLU A 72 -32.88 10.61 -20.54
C GLU A 72 -33.14 9.23 -21.13
N GLN A 73 -32.09 8.43 -21.33
CA GLN A 73 -32.29 7.10 -21.93
C GLN A 73 -33.17 6.23 -21.04
N LYS A 74 -32.86 6.21 -19.73
CA LYS A 74 -33.71 5.50 -18.77
C LYS A 74 -35.17 5.92 -18.92
N GLU A 75 -35.41 7.22 -19.03
CA GLU A 75 -36.78 7.72 -19.02
C GLU A 75 -37.51 7.39 -20.32
N GLU A 76 -36.82 7.46 -21.46
CA GLU A 76 -37.52 7.23 -22.71
C GLU A 76 -37.87 5.75 -22.94
N SER A 77 -37.41 4.85 -22.08
CA SER A 77 -37.84 3.47 -22.14
C SER A 77 -39.12 3.23 -21.36
N LYS A 78 -39.54 4.16 -20.52
CA LYS A 78 -40.79 4.03 -19.78
C LYS A 78 -41.99 4.35 -20.67
N GLU A 79 -43.08 3.64 -20.43
CA GLU A 79 -44.31 3.92 -21.16
C GLU A 79 -44.96 5.20 -20.64
N LYS A 80 -45.46 6.01 -21.58
CA LYS A 80 -46.16 7.27 -21.25
C LYS A 80 -45.24 8.25 -20.53
N SER A 81 -44.08 8.50 -21.14
CA SER A 81 -43.04 9.31 -20.52
C SER A 81 -42.69 10.54 -21.34
N GLU A 82 -43.49 10.90 -22.35
CA GLU A 82 -43.11 11.96 -23.29
C GLU A 82 -42.89 13.29 -22.59
N HIS A 83 -43.63 13.58 -21.51
CA HIS A 83 -43.49 14.89 -20.88
C HIS A 83 -42.17 15.00 -20.13
N GLN A 84 -41.82 13.98 -19.34
CA GLN A 84 -40.53 13.99 -18.65
C GLN A 84 -39.37 14.03 -19.63
N VAL A 85 -39.47 13.29 -20.74
CA VAL A 85 -38.36 13.21 -21.69
C VAL A 85 -38.07 14.58 -22.28
N GLU A 86 -39.13 15.35 -22.59
CA GLU A 86 -38.91 16.65 -23.22
C GLU A 86 -38.36 17.67 -22.21
N LEU A 87 -38.66 17.52 -20.92
CA LEU A 87 -37.96 18.33 -19.93
C LEU A 87 -36.48 17.97 -19.87
N ILE A 88 -36.17 16.67 -19.82
CA ILE A 88 -34.79 16.18 -19.79
C ILE A 88 -34.03 16.58 -21.04
N SER A 90 -34.65 18.97 -23.11
CA SER A 90 -34.43 20.39 -23.21
C SER A 90 -33.37 20.87 -22.20
N TYR A 91 -33.30 20.22 -21.05
CA TYR A 91 -32.20 20.53 -20.14
C TYR A 91 -30.86 20.07 -20.72
N ARG A 92 -30.83 18.89 -21.35
CA ARG A 92 -29.58 18.46 -22.00
C ARG A 92 -29.18 19.45 -23.09
N SER A 93 -30.16 20.00 -23.79
CA SER A 93 -29.92 20.92 -24.90
C SER A 93 -29.19 22.18 -24.43
N LYS A 94 -29.53 22.67 -23.24
CA LYS A 94 -28.82 23.80 -22.64
C LYS A 94 -27.37 23.44 -22.32
N ILE A 95 -27.10 22.22 -21.82
CA ILE A 95 -25.70 21.84 -21.58
C ILE A 95 -24.93 21.73 -22.90
N GLU A 96 -25.54 21.16 -23.95
CA GLU A 96 -24.80 21.07 -25.22
C GLU A 96 -24.42 22.45 -25.75
N THR A 97 -25.30 23.44 -25.58
CA THR A 97 -24.99 24.78 -26.09
C THR A 97 -23.72 25.33 -25.45
N GLU A 98 -23.61 25.24 -24.10
CA GLU A 98 -22.37 25.67 -23.47
C GLU A 98 -21.18 24.82 -23.89
N LEU A 99 -21.39 23.53 -24.17
CA LEU A 99 -20.26 22.70 -24.58
C LEU A 99 -19.64 23.23 -25.87
N THR A 100 -20.49 23.54 -26.88
CA THR A 100 -19.97 24.04 -28.16
C THR A 100 -19.34 25.43 -27.99
N LYS A 101 -19.93 26.28 -27.15
CA LYS A 101 -19.38 27.61 -26.93
C LYS A 101 -18.02 27.59 -26.25
N ILE A 102 -17.85 26.73 -25.23
CA ILE A 102 -16.53 26.59 -24.60
C ILE A 102 -15.53 26.03 -25.61
N SER A 103 -15.92 25.03 -26.40
CA SER A 103 -15.00 24.46 -27.36
C SER A 103 -14.59 25.48 -28.42
N ASP A 104 -15.59 26.16 -29.03
CA ASP A 104 -15.29 27.18 -30.04
C ASP A 104 -14.37 28.26 -29.49
N ASP A 105 -14.58 28.63 -28.23
CA ASP A 105 -13.73 29.63 -27.58
C ASP A 105 -12.27 29.20 -27.59
N ILE A 106 -11.95 28.04 -27.02
CA ILE A 106 -10.55 27.64 -26.99
C ILE A 106 -10.06 27.34 -28.41
N LEU A 107 -10.91 26.75 -29.25
CA LEU A 107 -10.50 26.46 -30.62
C LEU A 107 -10.14 27.71 -31.40
N SER A 108 -10.86 28.82 -31.16
CA SER A 108 -10.52 30.06 -31.85
C SER A 108 -9.22 30.66 -31.32
N VAL A 109 -8.98 30.55 -30.02
CA VAL A 109 -7.70 31.00 -29.48
C VAL A 109 -6.56 30.19 -30.08
N LEU A 110 -6.79 28.88 -30.30
CA LEU A 110 -5.76 28.04 -30.88
C LEU A 110 -5.54 28.40 -32.36
N ASP A 111 -6.62 28.54 -33.12
CA ASP A 111 -6.47 28.70 -34.56
C ASP A 111 -5.90 30.08 -34.91
N SER A 112 -6.27 31.12 -34.16
CA SER A 112 -5.89 32.47 -34.53
C SER A 112 -4.63 32.97 -33.83
N HIS A 113 -4.27 32.45 -32.66
CA HIS A 113 -3.16 33.00 -31.88
C HIS A 113 -2.07 31.96 -31.59
N LEU A 114 -2.43 30.83 -30.96
CA LEU A 114 -1.41 29.98 -30.33
C LEU A 114 -0.75 29.03 -31.33
N ILE A 115 -1.51 28.46 -32.25
CA ILE A 115 -0.93 27.58 -33.26
C ILE A 115 -0.10 28.38 -34.25
N PRO A 116 -0.55 29.55 -34.73
CA PRO A 116 0.34 30.32 -35.63
C PRO A 116 1.64 30.79 -34.98
N SER A 117 1.63 31.20 -33.72
CA SER A 117 2.82 31.78 -33.11
C SER A 117 3.74 30.74 -32.46
N ALA A 118 3.37 29.47 -32.45
CA ALA A 118 4.16 28.46 -31.75
C ALA A 118 5.49 28.22 -32.49
N THR A 119 6.61 28.39 -31.79
CA THR A 119 7.90 28.20 -32.43
C THR A 119 8.67 26.96 -31.99
N THR A 120 8.49 26.48 -30.75
CA THR A 120 9.14 25.23 -30.39
C THR A 120 8.30 24.03 -30.81
N GLY A 121 8.95 22.87 -30.88
CA GLY A 121 8.23 21.67 -31.23
C GLY A 121 7.26 21.24 -30.15
N GLU A 122 7.66 21.39 -28.89
CA GLU A 122 6.76 21.10 -27.77
C GLU A 122 5.47 21.88 -27.89
N SER A 123 5.59 23.22 -27.88
CA SER A 123 4.42 24.07 -27.98
C SER A 123 3.57 23.70 -29.19
N LYS A 124 4.21 23.40 -30.32
CA LYS A 124 3.46 23.03 -31.52
C LYS A 124 2.67 21.73 -31.32
N VAL A 125 3.30 20.73 -30.69
CA VAL A 125 2.59 19.49 -30.39
C VAL A 125 1.51 19.72 -29.34
N PHE A 126 1.85 20.44 -28.27
CA PHE A 126 0.88 20.73 -27.21
C PHE A 126 -0.42 21.29 -27.77
N TYR A 127 -0.33 22.23 -28.72
CA TYR A 127 -1.52 22.95 -29.17
C TYR A 127 -2.31 22.15 -30.19
N TYR A 128 -1.63 21.45 -31.09
CA TYR A 128 -2.36 20.59 -32.00
C TYR A 128 -3.06 19.48 -31.23
N LYS A 129 -2.45 19.00 -30.14
CA LYS A 129 -3.14 18.00 -29.32
C LYS A 129 -4.39 18.61 -28.66
N MET A 130 -4.26 19.79 -28.03
CA MET A 130 -5.44 20.46 -27.50
C MET A 130 -6.53 20.61 -28.55
N LYS A 131 -6.14 21.02 -29.76
CA LYS A 131 -7.12 21.17 -30.84
C LYS A 131 -7.83 19.84 -31.13
N GLY A 132 -7.08 18.74 -31.18
CA GLY A 132 -7.71 17.45 -31.37
C GLY A 132 -8.65 17.10 -30.24
N ASP A 133 -8.23 17.39 -29.01
CA ASP A 133 -9.09 17.20 -27.84
C ASP A 133 -10.45 17.89 -28.01
N TYR A 134 -10.46 19.20 -28.30
CA TYR A 134 -11.75 19.89 -28.28
C TYR A 134 -12.62 19.58 -29.49
N HIS A 135 -12.03 19.33 -30.67
CA HIS A 135 -12.87 18.77 -31.74
C HIS A 135 -13.44 17.42 -31.32
N ARG A 136 -12.64 16.60 -30.62
CA ARG A 136 -13.15 15.33 -30.09
C ARG A 136 -14.31 15.55 -29.12
N TYR A 137 -14.18 16.52 -28.22
CA TYR A 137 -15.29 16.80 -27.31
C TYR A 137 -16.55 17.20 -28.08
N LEU A 138 -16.40 17.99 -29.15
CA LEU A 138 -17.55 18.34 -29.97
C LEU A 138 -18.17 17.10 -30.63
N ALA A 139 -17.31 16.18 -31.11
CA ALA A 139 -17.81 14.96 -31.74
C ALA A 139 -18.56 14.07 -30.76
N GLU A 140 -18.33 14.24 -29.45
CA GLU A 140 -18.96 13.32 -28.51
C GLU A 140 -20.46 13.50 -28.47
N PHE A 141 -20.97 14.69 -28.76
CA PHE A 141 -22.39 14.97 -28.59
C PHE A 141 -23.08 15.60 -29.79
N SER A 142 -22.33 16.05 -30.79
CA SER A 142 -22.90 16.81 -31.90
C SER A 142 -23.64 15.91 -32.88
N SER A 143 -24.65 16.48 -33.52
CA SER A 143 -25.53 15.74 -34.43
C SER A 143 -25.18 16.03 -35.88
N GLY A 144 -25.45 15.05 -36.74
CA GLY A 144 -25.33 15.25 -38.18
C GLY A 144 -24.00 15.81 -38.60
N ASP A 145 -24.06 16.85 -39.44
CA ASP A 145 -22.86 17.33 -40.11
C ASP A 145 -21.84 17.88 -39.12
N ALA A 146 -22.29 18.45 -38.00
CA ALA A 146 -21.35 19.01 -37.03
C ALA A 146 -20.49 17.92 -36.40
N ARG A 147 -21.06 16.72 -36.21
CA ARG A 147 -20.27 15.60 -35.71
C ARG A 147 -19.20 15.20 -36.72
N GLU A 148 -19.55 15.22 -38.01
CA GLU A 148 -18.61 14.81 -39.04
C GLU A 148 -17.49 15.84 -39.22
N LYS A 149 -17.83 17.14 -39.18
CA LYS A 149 -16.80 18.17 -39.27
C LYS A 149 -15.86 18.12 -38.07
N ALA A 150 -16.39 17.82 -36.88
CA ALA A 150 -15.55 17.74 -35.69
C ALA A 150 -14.72 16.46 -35.68
N THR A 151 -15.33 15.34 -36.11
CA THR A 151 -14.59 14.09 -36.22
C THR A 151 -13.41 14.23 -37.17
N ASN A 152 -13.63 14.86 -38.32
CA ASN A 152 -12.53 14.98 -39.29
C ASN A 152 -11.49 15.98 -38.81
N ALA A 153 -11.93 17.10 -38.24
CA ALA A 153 -10.99 18.09 -37.72
C ALA A 153 -10.17 17.53 -36.55
N SER A 154 -10.78 16.68 -35.73
CA SER A 154 -10.03 16.05 -34.65
C SER A 154 -8.93 15.15 -35.18
N LEU A 155 -9.27 14.24 -36.12
CA LEU A 155 -8.26 13.38 -36.73
C LEU A 155 -7.11 14.19 -37.30
N GLU A 156 -7.43 15.25 -38.06
CA GLU A 156 -6.37 16.03 -38.72
C GLU A 156 -5.47 16.71 -37.71
N ALA A 157 -6.02 17.19 -36.59
CA ALA A 157 -5.19 17.82 -35.56
C ALA A 157 -4.27 16.82 -34.86
N TYR A 158 -4.80 15.65 -34.49
CA TYR A 158 -3.97 14.62 -33.87
C TYR A 158 -2.90 14.12 -34.84
N LYS A 159 -3.26 14.03 -36.13
CA LYS A 159 -2.29 13.61 -37.14
C LYS A 159 -1.13 14.59 -37.23
N THR A 160 -1.45 15.89 -37.35
CA THR A 160 -0.40 16.90 -37.41
C THR A 160 0.46 16.88 -36.16
N ALA A 161 -0.17 16.76 -34.98
CA ALA A 161 0.59 16.70 -33.74
C ALA A 161 1.56 15.52 -33.74
N SER A 162 1.10 14.38 -34.28
CA SER A 162 1.89 13.15 -34.27
C SER A 162 3.09 13.27 -35.19
N GLU A 163 2.89 13.84 -36.39
CA GLU A 163 4.00 14.07 -37.32
C GLU A 163 5.09 14.90 -36.65
N ILE A 164 4.70 15.98 -35.97
CA ILE A 164 5.69 16.86 -35.33
C ILE A 164 6.30 16.19 -34.11
N ALA A 165 5.47 15.52 -33.30
CA ALA A 165 5.98 14.80 -32.14
C ALA A 165 6.99 13.71 -32.55
N THR A 166 6.84 13.15 -33.74
CA THR A 166 7.75 12.09 -34.15
C THR A 166 9.17 12.61 -34.37
N THR A 167 9.31 13.86 -34.85
CA THR A 167 10.63 14.37 -35.18
C THR A 167 11.21 15.30 -34.13
N GLU A 168 10.39 15.90 -33.26
CA GLU A 168 10.88 16.90 -32.32
C GLU A 168 10.83 16.48 -30.87
N LEU A 169 10.15 15.38 -30.54
CA LEU A 169 10.07 14.99 -29.14
C LEU A 169 10.56 13.55 -28.96
N PRO A 170 11.38 13.29 -27.95
CA PRO A 170 11.84 11.90 -27.69
C PRO A 170 10.67 11.01 -27.32
N PRO A 171 10.80 9.69 -27.46
CA PRO A 171 9.62 8.83 -27.35
C PRO A 171 9.06 8.74 -25.93
N THR A 172 9.82 9.14 -24.91
CA THR A 172 9.39 9.11 -23.52
C THR A 172 8.78 10.42 -23.03
N HIS A 173 8.64 11.42 -23.89
CA HIS A 173 8.21 12.72 -23.39
C HIS A 173 6.75 12.65 -22.93
N PRO A 174 6.42 13.21 -21.76
CA PRO A 174 5.00 13.24 -21.34
C PRO A 174 4.07 13.75 -22.42
N ILE A 175 4.45 14.80 -23.16
CA ILE A 175 3.55 15.36 -24.16
C ILE A 175 3.33 14.36 -25.29
N ARG A 176 4.38 13.66 -25.72
CA ARG A 176 4.21 12.69 -26.78
C ARG A 176 3.35 11.52 -26.33
N LEU A 177 3.65 10.95 -25.16
CA LEU A 177 2.84 9.86 -24.63
C LEU A 177 1.39 10.29 -24.46
N GLY A 178 1.18 11.46 -23.86
CA GLY A 178 -0.18 11.96 -23.69
C GLY A 178 -0.88 12.12 -25.02
N LEU A 179 -0.15 12.53 -26.05
CA LEU A 179 -0.74 12.66 -27.37
C LEU A 179 -1.23 11.32 -27.89
N ALA A 180 -0.40 10.27 -27.76
CA ALA A 180 -0.78 8.96 -28.27
C ALA A 180 -1.94 8.39 -27.47
N LEU A 181 -1.98 8.64 -26.16
CA LEU A 181 -3.10 8.17 -25.36
C LEU A 181 -4.40 8.81 -25.82
N ASN A 182 -4.40 10.12 -26.02
CA ASN A 182 -5.63 10.78 -26.44
C ASN A 182 -5.98 10.44 -27.89
N PHE A 183 -4.97 10.32 -28.74
CA PHE A 183 -5.24 9.91 -30.12
C PHE A 183 -5.82 8.50 -30.14
N SER A 184 -5.33 7.61 -29.26
CA SER A 184 -5.84 6.24 -29.27
C SER A 184 -7.28 6.20 -28.79
N VAL A 185 -7.64 7.07 -27.83
CA VAL A 185 -9.02 7.18 -27.37
C VAL A 185 -9.92 7.68 -28.49
N PHE A 186 -9.46 8.66 -29.27
CA PHE A 186 -10.20 9.11 -30.44
C PHE A 186 -10.50 7.95 -31.38
N TYR A 187 -9.47 7.17 -31.72
CA TYR A 187 -9.68 6.03 -32.61
C TYR A 187 -10.70 5.07 -32.02
N TYR A 188 -10.56 4.73 -30.74
CA TYR A 188 -11.47 3.76 -30.14
C TYR A 188 -12.89 4.33 -30.01
N GLU A 189 -13.02 5.53 -29.44
CA GLU A 189 -14.33 6.02 -29.05
C GLU A 189 -15.04 6.81 -30.17
N ILE A 190 -14.32 7.62 -30.95
CA ILE A 190 -14.97 8.49 -31.93
C ILE A 190 -14.99 7.80 -33.30
N GLN A 191 -13.84 7.39 -33.81
CA GLN A 191 -13.80 6.76 -35.11
C GLN A 191 -14.23 5.29 -35.06
N ASN A 192 -14.22 4.68 -33.88
CA ASN A 192 -14.65 3.29 -33.72
C ASN A 192 -13.73 2.34 -34.48
N SER A 193 -12.43 2.46 -34.19
CA SER A 193 -11.37 1.72 -34.87
C SER A 193 -10.50 1.04 -33.81
N PRO A 194 -10.97 -0.07 -33.23
CA PRO A 194 -10.23 -0.69 -32.13
C PRO A 194 -8.86 -1.20 -32.54
N ASP A 195 -8.65 -1.54 -33.83
CA ASP A 195 -7.35 -2.01 -34.26
C ASP A 195 -6.34 -0.88 -34.27
N LYS A 196 -6.70 0.25 -34.90
CA LYS A 196 -5.81 1.42 -34.88
C LYS A 196 -5.54 1.90 -33.46
N ALA A 197 -6.52 1.82 -32.57
CA ALA A 197 -6.41 2.34 -31.21
C ALA A 197 -5.46 1.50 -30.39
N HIS A 199 -3.12 -0.59 -31.36
CA HIS A 199 -1.72 -0.62 -31.80
C HIS A 199 -1.01 0.68 -31.50
N LEU A 200 -1.73 1.79 -31.64
CA LEU A 200 -1.14 3.08 -31.37
C LEU A 200 -0.77 3.18 -29.90
N ALA A 201 -1.67 2.71 -29.02
CA ALA A 201 -1.37 2.79 -27.60
C ALA A 201 -0.25 1.81 -27.24
N LYS A 202 -0.26 0.61 -27.81
CA LYS A 202 0.79 -0.37 -27.56
C LYS A 202 2.14 0.14 -28.05
N GLN A 203 2.20 0.66 -29.29
CA GLN A 203 3.47 1.16 -29.80
C GLN A 203 4.00 2.30 -28.93
N ALA A 204 3.11 3.20 -28.49
CA ALA A 204 3.53 4.33 -27.67
C ALA A 204 4.04 3.88 -26.32
N PHE A 205 3.33 2.93 -25.68
CA PHE A 205 3.79 2.41 -24.39
C PHE A 205 5.20 1.86 -24.51
N ASP A 206 5.39 0.91 -25.45
CA ASP A 206 6.67 0.22 -25.65
C ASP A 206 7.80 1.20 -25.93
N ASP A 207 7.57 2.15 -26.84
CA ASP A 207 8.60 3.10 -27.24
C ASP A 207 9.05 3.98 -26.08
N ALA A 208 8.23 4.11 -25.04
CA ALA A 208 8.66 4.95 -23.93
C ALA A 208 9.60 4.23 -22.98
N ILE A 209 9.75 2.92 -23.11
CA ILE A 209 10.51 2.15 -22.14
C ILE A 209 11.99 2.49 -22.21
N ALA A 210 12.56 2.49 -23.41
CA ALA A 210 14.00 2.48 -23.53
C ALA A 210 14.64 3.67 -22.84
N GLU A 211 13.99 4.84 -22.86
CA GLU A 211 14.62 6.07 -22.40
C GLU A 211 14.04 6.61 -21.09
N LEU A 212 13.47 5.75 -20.23
CA LEU A 212 12.87 6.24 -18.99
C LEU A 212 13.86 6.96 -18.10
N ASP A 213 15.16 6.71 -18.29
CA ASP A 213 16.18 7.27 -17.42
C ASP A 213 16.57 8.69 -17.80
N THR A 214 16.29 9.11 -19.04
CA THR A 214 16.59 10.47 -19.49
C THR A 214 15.67 11.53 -18.91
N LEU A 215 14.57 11.15 -18.25
CA LEU A 215 13.58 12.12 -17.80
C LEU A 215 13.91 12.66 -16.42
N SER A 216 13.57 13.92 -16.20
CA SER A 216 13.59 14.46 -14.85
C SER A 216 12.63 13.68 -13.97
N GLU A 217 12.85 13.80 -12.66
CA GLU A 217 12.01 13.11 -11.68
C GLU A 217 10.54 13.49 -11.85
N GLU A 218 10.26 14.76 -12.12
CA GLU A 218 8.87 15.18 -12.28
C GLU A 218 8.30 14.69 -13.60
N SER A 219 9.10 14.69 -14.67
CA SER A 219 8.62 14.18 -15.95
C SER A 219 8.40 12.67 -15.90
N TYR A 220 9.23 11.95 -15.16
CA TYR A 220 9.05 10.51 -15.05
C TYR A 220 7.73 10.17 -14.37
N LYS A 221 7.37 10.94 -13.35
CA LYS A 221 6.09 10.73 -12.70
C LYS A 221 4.90 11.09 -13.61
N ASP A 222 5.03 12.10 -14.48
CA ASP A 222 3.95 12.36 -15.46
C ASP A 222 3.82 11.19 -16.42
N SER A 223 4.96 10.66 -16.87
CA SER A 223 4.91 9.60 -17.87
C SER A 223 4.46 8.29 -17.26
N THR A 224 4.83 8.02 -16.01
CA THR A 224 4.32 6.85 -15.30
C THR A 224 2.79 6.81 -15.28
N LEU A 225 2.15 7.93 -14.91
CA LEU A 225 0.69 7.91 -14.82
C LEU A 225 0.07 7.80 -16.21
N ILE A 226 0.66 8.46 -17.21
CA ILE A 226 0.16 8.34 -18.56
C ILE A 226 0.24 6.89 -19.03
N MET A 227 1.38 6.23 -18.75
CA MET A 227 1.55 4.84 -19.14
C MET A 227 0.60 3.91 -18.38
N GLN A 228 0.32 4.21 -17.12
CA GLN A 228 -0.72 3.49 -16.39
C GLN A 228 -2.05 3.56 -17.12
N LEU A 229 -2.43 4.74 -17.66
CA LEU A 229 -3.69 4.84 -18.38
C LEU A 229 -3.63 4.08 -19.71
N LEU A 230 -2.49 4.13 -20.39
CA LEU A 230 -2.32 3.31 -21.60
C LEU A 230 -2.49 1.83 -21.30
N ARG A 231 -1.79 1.33 -20.28
CA ARG A 231 -1.93 -0.07 -19.87
C ARG A 231 -3.39 -0.43 -19.61
N ASP A 232 -4.03 0.34 -18.73
CA ASP A 232 -5.40 0.04 -18.34
C ASP A 232 -6.36 0.12 -19.53
N ASN A 233 -6.12 1.02 -20.49
CA ASN A 233 -6.97 1.07 -21.67
C ASN A 233 -6.76 -0.17 -22.54
N LEU A 234 -5.49 -0.56 -22.70
CA LEU A 234 -5.17 -1.80 -23.42
C LEU A 234 -5.88 -3.00 -22.81
N THR A 235 -5.90 -3.10 -21.48
CA THR A 235 -6.63 -4.19 -20.83
C THR A 235 -8.11 -4.17 -21.23
N LEU A 236 -8.74 -2.99 -21.25
CA LEU A 236 -10.16 -2.90 -21.59
C LEU A 236 -10.41 -3.30 -23.04
N TRP A 237 -9.54 -2.87 -23.95
CA TRP A 237 -9.72 -3.03 -25.37
C TRP A 237 -9.37 -4.44 -25.84
N THR A 238 -8.69 -5.22 -25.02
CA THR A 238 -8.47 -6.63 -25.29
C THR A 238 -9.34 -7.49 -24.39
N SER A 239 -10.53 -6.95 -24.04
CA SER A 239 -11.58 -7.52 -23.18
C SER A 239 -11.03 -8.45 -22.13
N SER B 8 -45.04 24.58 -14.75
CA SER B 8 -45.83 24.04 -13.65
C SER B 8 -44.93 23.71 -12.46
N ARG B 9 -45.57 23.55 -11.29
CA ARG B 9 -44.80 23.37 -10.07
C ARG B 9 -44.10 22.02 -10.05
N GLU B 10 -44.74 20.99 -10.63
CA GLU B 10 -44.14 19.67 -10.66
C GLU B 10 -42.91 19.64 -11.55
N ASP B 11 -42.94 20.39 -12.65
CA ASP B 11 -41.81 20.44 -13.57
C ASP B 11 -40.63 21.13 -12.92
N SER B 12 -40.91 22.16 -12.12
CA SER B 12 -39.86 22.89 -11.42
C SER B 12 -39.19 22.01 -10.38
N VAL B 13 -39.95 21.16 -9.68
CA VAL B 13 -39.34 20.22 -8.74
C VAL B 13 -38.50 19.18 -9.51
N TYR B 14 -39.06 18.64 -10.59
CA TYR B 14 -38.32 17.68 -11.41
C TYR B 14 -37.01 18.28 -11.92
N LEU B 15 -37.06 19.51 -12.46
CA LEU B 15 -35.83 20.14 -12.94
C LEU B 15 -34.86 20.45 -11.81
N ALA B 16 -35.36 20.62 -10.58
CA ALA B 16 -34.44 20.80 -9.46
C ALA B 16 -33.70 19.50 -9.15
N LYS B 17 -34.41 18.37 -9.23
CA LYS B 17 -33.76 17.09 -8.98
C LYS B 17 -32.75 16.78 -10.08
N LEU B 18 -33.11 17.11 -11.32
CA LEU B 18 -32.24 16.87 -12.46
C LEU B 18 -30.98 17.73 -12.36
N ALA B 19 -31.13 18.96 -11.87
CA ALA B 19 -29.97 19.84 -11.74
C ALA B 19 -29.03 19.40 -10.63
N GLU B 20 -29.57 18.80 -9.57
CA GLU B 20 -28.69 18.21 -8.56
C GLU B 20 -27.88 17.05 -9.14
N GLN B 21 -28.51 16.19 -9.95
CA GLN B 21 -27.79 15.11 -10.61
C GLN B 21 -26.64 15.64 -11.45
N ALA B 22 -26.90 16.73 -12.19
CA ALA B 22 -25.89 17.41 -13.00
C ALA B 22 -24.93 18.26 -12.17
N GLU B 23 -25.14 18.35 -10.85
CA GLU B 23 -24.33 19.21 -9.98
C GLU B 23 -24.24 20.63 -10.55
N ARG B 24 -25.38 21.09 -11.07
CA ARG B 24 -25.60 22.45 -11.62
C ARG B 24 -26.49 23.21 -10.63
N TYR B 25 -25.88 23.70 -9.56
CA TYR B 25 -26.65 24.12 -8.40
C TYR B 25 -27.26 25.51 -8.53
N GLU B 26 -26.60 26.42 -9.26
CA GLU B 26 -27.24 27.70 -9.54
C GLU B 26 -28.60 27.48 -10.19
N GLU B 27 -28.68 26.57 -11.16
CA GLU B 27 -29.96 26.24 -11.77
C GLU B 27 -30.91 25.55 -10.79
N MET B 28 -30.38 24.67 -9.94
CA MET B 28 -31.19 24.07 -8.88
C MET B 28 -31.82 25.15 -7.99
N VAL B 29 -31.08 26.24 -7.75
CA VAL B 29 -31.63 27.31 -6.92
C VAL B 29 -32.79 27.98 -7.64
N GLU B 30 -32.66 28.24 -8.95
CA GLU B 30 -33.72 28.93 -9.67
C GLU B 30 -35.02 28.14 -9.64
N ASN B 31 -34.94 26.82 -9.82
CA ASN B 31 -36.15 26.01 -9.86
C ASN B 31 -36.81 25.96 -8.49
N MET B 32 -36.02 25.81 -7.43
CA MET B 32 -36.60 25.69 -6.10
C MET B 32 -37.03 27.05 -5.55
N LYS B 33 -36.37 28.13 -5.98
CA LYS B 33 -36.78 29.46 -5.55
C LYS B 33 -38.18 29.78 -6.07
N THR B 34 -38.48 29.36 -7.30
CA THR B 34 -39.82 29.54 -7.83
C THR B 34 -40.83 28.62 -7.17
N VAL B 35 -40.41 27.43 -6.73
CA VAL B 35 -41.36 26.56 -6.03
C VAL B 35 -41.74 27.16 -4.68
N ALA B 36 -40.77 27.71 -3.96
CA ALA B 36 -41.01 28.23 -2.61
C ALA B 36 -41.73 29.57 -2.60
N SER B 37 -41.72 30.29 -3.71
CA SER B 37 -42.27 31.63 -3.76
C SER B 37 -43.71 31.66 -4.23
N SER B 38 -44.33 30.50 -4.42
CA SER B 38 -45.63 30.41 -5.08
C SER B 38 -46.49 29.40 -4.34
N GLY B 39 -47.35 29.89 -3.45
CA GLY B 39 -48.48 29.12 -2.97
C GLY B 39 -48.23 28.14 -1.86
N GLN B 40 -48.36 26.86 -2.20
CA GLN B 40 -48.34 25.77 -1.23
C GLN B 40 -47.15 25.81 -0.27
N GLU B 41 -47.32 25.19 0.89
CA GLU B 41 -46.21 24.92 1.78
C GLU B 41 -45.33 23.82 1.18
N LEU B 42 -44.04 23.86 1.50
CA LEU B 42 -43.10 22.87 0.98
C LEU B 42 -43.22 21.56 1.77
N SER B 43 -43.25 20.44 1.06
CA SER B 43 -43.06 19.18 1.76
C SER B 43 -41.63 19.10 2.29
N VAL B 44 -41.37 18.07 3.10
CA VAL B 44 -40.04 17.86 3.66
C VAL B 44 -39.04 17.57 2.56
N GLU B 45 -39.47 16.86 1.50
CA GLU B 45 -38.60 16.59 0.37
C GLU B 45 -38.28 17.87 -0.39
N GLU B 46 -39.31 18.68 -0.68
CA GLU B 46 -39.06 19.92 -1.39
C GLU B 46 -38.26 20.88 -0.53
N ARG B 47 -38.43 20.82 0.79
CA ARG B 47 -37.67 21.66 1.70
C ARG B 47 -36.20 21.25 1.73
N ASN B 48 -35.91 19.96 1.57
CA ASN B 48 -34.51 19.53 1.49
C ASN B 48 -33.89 19.93 0.15
N LEU B 49 -34.66 19.83 -0.94
CA LEU B 49 -34.13 20.23 -2.25
C LEU B 49 -33.74 21.71 -2.26
N LEU B 50 -34.61 22.56 -1.71
CA LEU B 50 -34.29 23.98 -1.62
C LEU B 50 -33.01 24.20 -0.81
N SER B 51 -32.95 23.56 0.35
CA SER B 51 -31.85 23.73 1.30
C SER B 51 -30.53 23.28 0.70
N VAL B 52 -30.54 22.13 0.02
CA VAL B 52 -29.36 21.60 -0.62
C VAL B 52 -28.90 22.53 -1.74
N ALA B 53 -29.84 23.10 -2.48
CA ALA B 53 -29.49 23.98 -3.59
C ALA B 53 -28.68 25.18 -3.14
N TYR B 54 -29.16 25.89 -2.10
CA TYR B 54 -28.43 27.07 -1.63
C TYR B 54 -27.18 26.69 -0.85
N LYS B 55 -27.19 25.56 -0.14
CA LYS B 55 -26.02 25.23 0.65
C LYS B 55 -24.82 24.92 -0.26
N ASN B 56 -25.07 24.32 -1.42
CA ASN B 56 -24.01 24.08 -2.40
C ASN B 56 -23.53 25.38 -3.03
N VAL B 57 -24.44 26.25 -3.44
CA VAL B 57 -24.05 27.52 -4.04
C VAL B 57 -23.29 28.38 -3.03
N ILE B 58 -23.78 28.47 -1.79
CA ILE B 58 -23.07 29.28 -0.80
C ILE B 58 -21.83 28.55 -0.30
N GLY B 59 -21.83 27.20 -0.33
CA GLY B 59 -20.74 26.45 0.27
C GLY B 59 -19.45 26.55 -0.52
N ALA B 60 -19.54 26.43 -1.85
CA ALA B 60 -18.35 26.60 -2.67
C ALA B 60 -17.80 28.02 -2.59
N ARG B 61 -18.68 29.03 -2.52
CA ARG B 61 -18.20 30.41 -2.39
C ARG B 61 -17.49 30.62 -1.07
N ARG B 62 -18.06 30.10 0.03
CA ARG B 62 -17.41 30.20 1.35
C ARG B 62 -16.04 29.51 1.33
N ALA B 63 -15.93 28.35 0.65
CA ALA B 63 -14.64 27.66 0.65
C ALA B 63 -13.61 28.44 -0.15
N SER B 64 -13.99 28.94 -1.32
CA SER B 64 -13.08 29.83 -2.06
C SER B 64 -12.66 31.01 -1.19
N TRP B 65 -13.64 31.61 -0.48
CA TRP B 65 -13.35 32.77 0.36
C TRP B 65 -12.28 32.45 1.43
N ARG B 66 -12.42 31.31 2.10
CA ARG B 66 -11.46 30.98 3.16
C ARG B 66 -10.06 30.72 2.60
N ILE B 67 -9.97 30.13 1.40
CA ILE B 67 -8.63 29.88 0.86
C ILE B 67 -8.02 31.18 0.33
N VAL B 68 -8.84 32.03 -0.30
CA VAL B 68 -8.35 33.33 -0.76
C VAL B 68 -7.87 34.16 0.43
N SER B 69 -8.62 34.18 1.53
CA SER B 69 -8.21 34.95 2.70
C SER B 69 -6.93 34.40 3.32
N SER B 70 -6.83 33.08 3.36
CA SER B 70 -5.60 32.45 3.84
C SER B 70 -4.40 32.85 3.00
N ILE B 71 -4.57 32.95 1.68
CA ILE B 71 -3.47 33.34 0.81
C ILE B 71 -3.14 34.82 1.01
N GLU B 72 -4.17 35.67 1.08
CA GLU B 72 -4.00 37.08 1.38
C GLU B 72 -3.18 37.27 2.65
N GLN B 73 -3.50 36.52 3.70
CA GLN B 73 -2.78 36.67 4.97
C GLN B 73 -1.30 36.31 4.83
N LYS B 74 -0.99 35.25 4.08
CA LYS B 74 0.42 34.93 3.87
C LYS B 74 1.13 36.04 3.10
N GLU B 75 0.50 36.54 2.02
CA GLU B 75 1.18 37.52 1.19
C GLU B 75 1.24 38.90 1.83
N GLU B 76 0.50 39.13 2.92
CA GLU B 76 0.62 40.39 3.65
C GLU B 76 1.97 40.49 4.33
N SER B 77 2.41 39.40 4.97
CA SER B 77 3.63 39.42 5.76
C SER B 77 4.87 39.24 4.92
N LYS B 78 4.74 39.14 3.60
CA LYS B 78 5.90 39.17 2.72
C LYS B 78 6.37 40.61 2.51
N GLU B 79 7.70 40.76 2.36
CA GLU B 79 8.28 42.08 2.17
C GLU B 79 7.95 42.63 0.78
N LYS B 80 7.55 43.89 0.73
CA LYS B 80 7.33 44.64 -0.52
C LYS B 80 6.38 43.89 -1.46
N SER B 81 5.11 43.83 -1.03
CA SER B 81 4.12 42.99 -1.68
C SER B 81 2.79 43.72 -1.91
N GLU B 82 2.79 45.05 -1.82
CA GLU B 82 1.54 45.80 -1.89
C GLU B 82 0.72 45.47 -3.13
N HIS B 83 1.37 45.10 -4.24
CA HIS B 83 0.64 44.92 -5.48
C HIS B 83 -0.15 43.61 -5.49
N GLN B 84 0.44 42.53 -4.97
CA GLN B 84 -0.26 41.27 -4.89
C GLN B 84 -1.39 41.34 -3.87
N VAL B 85 -1.19 42.11 -2.80
CA VAL B 85 -2.20 42.25 -1.75
C VAL B 85 -3.43 42.95 -2.30
N GLU B 86 -3.25 43.98 -3.15
CA GLU B 86 -4.41 44.63 -3.77
C GLU B 86 -5.14 43.66 -4.67
N LEU B 87 -4.40 42.79 -5.35
CA LEU B 87 -5.03 41.86 -6.27
C LEU B 87 -5.89 40.86 -5.52
N ILE B 88 -5.35 40.25 -4.47
CA ILE B 88 -6.09 39.24 -3.73
C ILE B 88 -7.33 39.87 -3.08
N SER B 90 -9.03 42.53 -3.86
CA SER B 90 -10.00 42.83 -4.89
C SER B 90 -10.74 41.55 -5.32
N TYR B 91 -9.98 40.46 -5.52
CA TYR B 91 -10.56 39.16 -5.85
C TYR B 91 -11.49 38.68 -4.74
N ARG B 92 -11.04 38.80 -3.47
CA ARG B 92 -11.89 38.41 -2.36
C ARG B 92 -13.18 39.21 -2.33
N SER B 93 -13.14 40.50 -2.69
CA SER B 93 -14.33 41.32 -2.61
C SER B 93 -15.38 40.86 -3.63
N LYS B 94 -14.92 40.48 -4.82
CA LYS B 94 -15.86 39.87 -5.77
C LYS B 94 -16.60 38.69 -5.14
N ILE B 95 -15.87 37.83 -4.42
CA ILE B 95 -16.52 36.67 -3.79
C ILE B 95 -17.48 37.11 -2.69
N GLU B 96 -17.05 38.06 -1.85
CA GLU B 96 -17.95 38.60 -0.83
C GLU B 96 -19.22 39.16 -1.45
N THR B 97 -19.11 39.81 -2.61
CA THR B 97 -20.33 40.30 -3.27
C THR B 97 -21.26 39.16 -3.60
N GLU B 98 -20.72 38.06 -4.13
CA GLU B 98 -21.56 36.92 -4.47
C GLU B 98 -22.17 36.31 -3.20
N LEU B 99 -21.35 36.17 -2.15
CA LEU B 99 -21.85 35.68 -0.88
C LEU B 99 -23.03 36.52 -0.40
N THR B 100 -22.92 37.84 -0.51
CA THR B 100 -23.99 38.72 -0.06
C THR B 100 -25.24 38.54 -0.92
N LYS B 101 -25.06 38.47 -2.24
CA LYS B 101 -26.24 38.35 -3.11
C LYS B 101 -26.96 37.03 -2.86
N ILE B 102 -26.21 35.95 -2.62
CA ILE B 102 -26.85 34.64 -2.43
C ILE B 102 -27.59 34.59 -1.10
N SER B 103 -26.94 35.02 -0.03
CA SER B 103 -27.57 35.00 1.29
C SER B 103 -28.81 35.90 1.32
N ASP B 104 -28.70 37.13 0.82
CA ASP B 104 -29.90 37.98 0.72
C ASP B 104 -31.01 37.27 -0.06
N ASP B 105 -30.64 36.54 -1.12
CA ASP B 105 -31.67 35.90 -1.94
C ASP B 105 -32.46 34.88 -1.12
N ILE B 106 -31.76 33.99 -0.39
CA ILE B 106 -32.49 32.98 0.38
C ILE B 106 -33.17 33.62 1.60
N LEU B 107 -32.49 34.55 2.28
CA LEU B 107 -33.09 35.26 3.41
C LEU B 107 -34.41 35.92 3.00
N SER B 108 -34.43 36.61 1.86
CA SER B 108 -35.65 37.25 1.42
C SER B 108 -36.76 36.24 1.16
N VAL B 109 -36.39 35.06 0.65
CA VAL B 109 -37.38 34.00 0.45
C VAL B 109 -37.86 33.46 1.80
N LEU B 110 -36.95 33.33 2.78
CA LEU B 110 -37.34 32.87 4.10
C LEU B 110 -38.29 33.86 4.78
N ASP B 111 -38.04 35.16 4.61
CA ASP B 111 -38.82 36.17 5.29
C ASP B 111 -40.21 36.31 4.65
N SER B 112 -40.26 36.33 3.31
CA SER B 112 -41.52 36.56 2.61
C SER B 112 -42.42 35.32 2.57
N HIS B 113 -41.86 34.11 2.54
CA HIS B 113 -42.66 32.95 2.17
C HIS B 113 -42.52 31.76 3.12
N LEU B 114 -41.29 31.35 3.41
CA LEU B 114 -41.14 30.07 4.11
C LEU B 114 -41.49 30.19 5.58
N ILE B 115 -40.90 31.17 6.27
CA ILE B 115 -41.23 31.36 7.68
C ILE B 115 -42.70 31.69 7.89
N PRO B 116 -43.31 32.66 7.16
CA PRO B 116 -44.74 32.97 7.42
C PRO B 116 -45.69 31.82 7.14
N SER B 117 -45.44 31.00 6.12
CA SER B 117 -46.35 29.93 5.76
C SER B 117 -46.11 28.64 6.54
N ALA B 118 -45.18 28.64 7.50
CA ALA B 118 -44.80 27.43 8.23
C ALA B 118 -45.88 27.07 9.24
N THR B 119 -46.52 25.91 9.06
CA THR B 119 -47.52 25.46 10.02
C THR B 119 -46.94 24.48 11.03
N THR B 120 -46.31 23.40 10.55
CA THR B 120 -45.63 22.44 11.40
C THR B 120 -44.59 23.13 12.27
N GLY B 121 -44.47 22.68 13.53
CA GLY B 121 -43.42 23.20 14.38
C GLY B 121 -42.02 22.76 13.98
N GLU B 122 -41.90 21.58 13.37
CA GLU B 122 -40.61 21.11 12.90
C GLU B 122 -40.06 22.00 11.78
N SER B 123 -40.89 22.30 10.78
CA SER B 123 -40.47 23.23 9.74
C SER B 123 -40.32 24.66 10.27
N LYS B 124 -40.92 24.98 11.42
CA LYS B 124 -40.60 26.26 12.05
C LYS B 124 -39.14 26.30 12.48
N VAL B 125 -38.68 25.25 13.16
CA VAL B 125 -37.30 25.21 13.63
C VAL B 125 -36.33 25.14 12.46
N PHE B 126 -36.71 24.42 11.40
CA PHE B 126 -35.89 24.33 10.20
C PHE B 126 -35.67 25.71 9.59
N TYR B 127 -36.75 26.41 9.28
CA TYR B 127 -36.65 27.69 8.60
C TYR B 127 -35.94 28.75 9.43
N TYR B 128 -36.17 28.77 10.75
CA TYR B 128 -35.48 29.77 11.56
C TYR B 128 -34.01 29.41 11.72
N LYS B 129 -33.69 28.11 11.82
CA LYS B 129 -32.29 27.70 11.85
C LYS B 129 -31.60 28.10 10.55
N MET B 130 -32.27 27.90 9.42
CA MET B 130 -31.75 28.31 8.12
C MET B 130 -31.51 29.82 8.07
N LYS B 131 -32.48 30.62 8.55
CA LYS B 131 -32.29 32.06 8.62
C LYS B 131 -31.08 32.42 9.49
N GLY B 132 -30.97 31.80 10.67
CA GLY B 132 -29.78 32.01 11.50
C GLY B 132 -28.49 31.61 10.81
N ASP B 133 -28.52 30.54 9.99
CA ASP B 133 -27.34 30.13 9.25
C ASP B 133 -26.89 31.21 8.27
N TYR B 134 -27.82 31.72 7.45
CA TYR B 134 -27.38 32.62 6.40
C TYR B 134 -27.03 34.01 6.92
N HIS B 135 -27.68 34.48 8.00
CA HIS B 135 -27.17 35.67 8.67
C HIS B 135 -25.78 35.41 9.22
N ARG B 136 -25.53 34.22 9.76
CA ARG B 136 -24.19 33.87 10.24
C ARG B 136 -23.16 33.91 9.09
N TYR B 137 -23.50 33.35 7.92
CA TYR B 137 -22.56 33.40 6.80
C TYR B 137 -22.21 34.85 6.43
N LEU B 138 -23.21 35.74 6.43
CA LEU B 138 -22.93 37.17 6.27
C LEU B 138 -21.95 37.68 7.34
N ALA B 139 -22.20 37.39 8.61
CA ALA B 139 -21.33 37.86 9.68
C ALA B 139 -19.92 37.28 9.61
N GLU B 140 -19.69 36.23 8.81
CA GLU B 140 -18.35 35.65 8.68
C GLU B 140 -17.37 36.61 8.03
N PHE B 141 -17.82 37.38 7.02
CA PHE B 141 -16.95 38.26 6.25
C PHE B 141 -17.33 39.74 6.33
N SER B 142 -18.48 40.08 6.89
CA SER B 142 -18.92 41.46 6.88
C SER B 142 -18.22 42.26 7.98
N SER B 143 -18.20 43.57 7.79
CA SER B 143 -17.55 44.46 8.74
C SER B 143 -18.51 45.56 9.16
N GLY B 144 -18.22 46.16 10.31
CA GLY B 144 -18.93 47.34 10.72
C GLY B 144 -20.34 47.03 11.15
N ASP B 145 -21.25 47.92 10.77
CA ASP B 145 -22.64 47.78 11.20
C ASP B 145 -23.37 46.69 10.42
N ALA B 146 -22.93 46.41 9.18
CA ALA B 146 -23.49 45.25 8.49
C ALA B 146 -23.11 43.94 9.18
N ARG B 147 -21.95 43.89 9.84
CA ARG B 147 -21.63 42.73 10.66
C ARG B 147 -22.50 42.67 11.90
N GLU B 148 -22.67 43.82 12.58
CA GLU B 148 -23.53 43.87 13.75
C GLU B 148 -24.96 43.45 13.41
N LYS B 149 -25.50 43.97 12.31
CA LYS B 149 -26.86 43.62 11.90
C LYS B 149 -27.00 42.12 11.61
N ALA B 150 -25.96 41.49 11.03
CA ALA B 150 -26.04 40.07 10.71
C ALA B 150 -25.92 39.23 11.98
N THR B 151 -24.98 39.59 12.86
CA THR B 151 -24.87 38.93 14.15
C THR B 151 -26.19 38.93 14.90
N ASN B 152 -26.80 40.12 15.06
CA ASN B 152 -28.01 40.23 15.86
C ASN B 152 -29.15 39.43 15.25
N ALA B 153 -29.36 39.56 13.94
CA ALA B 153 -30.43 38.81 13.29
C ALA B 153 -30.16 37.31 13.30
N SER B 154 -28.89 36.92 13.31
CA SER B 154 -28.56 35.49 13.39
C SER B 154 -28.89 34.94 14.77
N LEU B 155 -28.46 35.66 15.82
CA LEU B 155 -28.76 35.27 17.19
C LEU B 155 -30.25 35.16 17.44
N GLU B 156 -31.03 36.12 16.91
CA GLU B 156 -32.47 36.10 17.12
C GLU B 156 -33.13 34.91 16.43
N ALA B 157 -32.70 34.60 15.20
CA ALA B 157 -33.25 33.46 14.49
C ALA B 157 -32.92 32.16 15.21
N TYR B 158 -31.68 32.03 15.70
CA TYR B 158 -31.27 30.83 16.44
C TYR B 158 -32.00 30.72 17.77
N LYS B 159 -32.08 31.82 18.53
CA LYS B 159 -32.83 31.81 19.78
C LYS B 159 -34.28 31.41 19.56
N THR B 160 -34.92 31.98 18.53
CA THR B 160 -36.31 31.65 18.23
C THR B 160 -36.46 30.19 17.79
N ALA B 161 -35.49 29.69 17.02
CA ALA B 161 -35.53 28.27 16.64
C ALA B 161 -35.37 27.39 17.87
N SER B 162 -34.48 27.76 18.79
CA SER B 162 -34.25 26.93 19.98
C SER B 162 -35.51 26.83 20.85
N GLU B 163 -36.22 27.96 21.03
CA GLU B 163 -37.44 27.96 21.85
C GLU B 163 -38.48 26.99 21.32
N ILE B 164 -38.73 27.02 20.01
CA ILE B 164 -39.73 26.11 19.46
C ILE B 164 -39.24 24.68 19.54
N ALA B 165 -37.96 24.44 19.24
CA ALA B 165 -37.44 23.07 19.27
C ALA B 165 -37.37 22.55 20.71
N THR B 166 -36.96 23.40 21.66
CA THR B 166 -36.89 22.97 23.04
C THR B 166 -38.25 22.51 23.57
N THR B 167 -39.34 23.00 22.98
CA THR B 167 -40.70 22.70 23.44
C THR B 167 -41.49 21.84 22.45
N GLU B 168 -40.89 21.45 21.33
CA GLU B 168 -41.66 20.74 20.29
C GLU B 168 -40.89 19.60 19.62
N LEU B 169 -39.57 19.47 19.82
CA LEU B 169 -38.86 18.38 19.17
C LEU B 169 -38.07 17.57 20.20
N PRO B 170 -38.08 16.25 20.09
CA PRO B 170 -37.24 15.43 20.96
C PRO B 170 -35.78 15.86 20.85
N PRO B 171 -35.02 15.76 21.95
CA PRO B 171 -33.61 16.15 21.90
C PRO B 171 -32.76 15.24 21.03
N THR B 172 -33.32 14.14 20.50
CA THR B 172 -32.66 13.27 19.53
C THR B 172 -32.99 13.65 18.09
N HIS B 173 -33.91 14.58 17.87
CA HIS B 173 -34.25 14.95 16.50
C HIS B 173 -33.05 15.58 15.80
N PRO B 174 -32.78 15.22 14.55
CA PRO B 174 -31.62 15.80 13.85
C PRO B 174 -31.74 17.30 13.64
N ILE B 175 -32.94 17.78 13.32
CA ILE B 175 -33.13 19.22 13.13
C ILE B 175 -32.82 19.97 14.41
N ARG B 176 -33.11 19.38 15.57
CA ARG B 176 -32.83 20.10 16.81
C ARG B 176 -31.35 20.00 17.17
N LEU B 177 -30.78 18.81 17.07
CA LEU B 177 -29.34 18.66 17.26
C LEU B 177 -28.58 19.54 16.28
N GLY B 178 -28.97 19.50 15.00
CA GLY B 178 -28.32 20.36 14.02
C GLY B 178 -28.36 21.83 14.39
N LEU B 179 -29.51 22.30 14.88
CA LEU B 179 -29.64 23.68 15.31
C LEU B 179 -28.65 24.00 16.42
N ALA B 180 -28.53 23.10 17.39
CA ALA B 180 -27.63 23.32 18.50
C ALA B 180 -26.19 23.38 18.02
N LEU B 181 -25.84 22.52 17.06
CA LEU B 181 -24.49 22.52 16.53
C LEU B 181 -24.19 23.86 15.87
N ASN B 182 -25.05 24.30 14.95
CA ASN B 182 -24.79 25.55 14.26
C ASN B 182 -24.84 26.75 15.22
N PHE B 183 -25.79 26.75 16.16
CA PHE B 183 -25.89 27.83 17.16
C PHE B 183 -24.66 27.90 18.06
N SER B 184 -24.14 26.74 18.50
CA SER B 184 -22.89 26.77 19.27
C SER B 184 -21.73 27.27 18.43
N VAL B 185 -21.75 26.97 17.13
CA VAL B 185 -20.74 27.50 16.21
C VAL B 185 -20.87 29.02 16.10
N PHE B 186 -22.11 29.51 15.99
CA PHE B 186 -22.32 30.96 16.00
C PHE B 186 -21.67 31.57 17.23
N TYR B 187 -21.92 30.99 18.40
CA TYR B 187 -21.31 31.50 19.61
C TYR B 187 -19.78 31.45 19.54
N TYR B 188 -19.22 30.34 19.06
CA TYR B 188 -17.77 30.21 19.08
C TYR B 188 -17.10 31.07 18.01
N GLU B 189 -17.69 31.13 16.81
CA GLU B 189 -17.01 31.80 15.70
C GLU B 189 -17.42 33.26 15.53
N ILE B 190 -18.70 33.58 15.77
CA ILE B 190 -19.20 34.90 15.43
C ILE B 190 -19.20 35.78 16.66
N GLN B 191 -19.96 35.40 17.68
CA GLN B 191 -20.02 36.17 18.92
C GLN B 191 -18.78 36.01 19.79
N ASN B 192 -17.87 35.09 19.47
CA ASN B 192 -16.66 34.83 20.24
C ASN B 192 -16.96 34.71 21.74
N SER B 193 -17.98 33.88 22.05
CA SER B 193 -18.34 33.52 23.42
C SER B 193 -18.08 32.03 23.58
N PRO B 194 -16.82 31.63 23.85
CA PRO B 194 -16.53 30.19 23.97
C PRO B 194 -17.29 29.51 25.11
N ASP B 195 -17.65 30.25 26.16
CA ASP B 195 -18.43 29.66 27.26
C ASP B 195 -19.81 29.23 26.80
N LYS B 196 -20.54 30.14 26.13
CA LYS B 196 -21.88 29.79 25.64
C LYS B 196 -21.82 28.72 24.56
N ALA B 197 -20.77 28.71 23.74
CA ALA B 197 -20.60 27.66 22.74
C ALA B 197 -20.56 26.30 23.43
N HIS B 199 -21.30 25.43 26.62
CA HIS B 199 -22.49 25.14 27.41
C HIS B 199 -23.63 24.62 26.54
N LEU B 200 -23.96 25.35 25.47
CA LEU B 200 -25.04 24.92 24.59
C LEU B 200 -24.72 23.58 23.95
N ALA B 201 -23.49 23.42 23.44
CA ALA B 201 -23.13 22.16 22.80
C ALA B 201 -23.18 21.01 23.81
N LYS B 202 -22.59 21.21 25.00
CA LYS B 202 -22.63 20.19 26.03
C LYS B 202 -24.07 19.83 26.37
N GLN B 203 -24.89 20.86 26.66
CA GLN B 203 -26.26 20.61 27.08
C GLN B 203 -27.06 19.85 26.02
N ALA B 204 -26.89 20.19 24.75
CA ALA B 204 -27.67 19.51 23.71
C ALA B 204 -27.18 18.09 23.47
N PHE B 205 -25.90 17.84 23.71
CA PHE B 205 -25.41 16.46 23.74
C PHE B 205 -25.99 15.73 24.94
N ASP B 206 -25.83 16.32 26.12
CA ASP B 206 -26.31 15.71 27.36
C ASP B 206 -27.79 15.36 27.28
N ASP B 207 -28.65 16.36 27.07
CA ASP B 207 -30.09 16.09 26.99
C ASP B 207 -30.44 15.12 25.85
N ALA B 208 -29.52 14.87 24.93
CA ALA B 208 -29.77 13.84 23.93
C ALA B 208 -29.24 12.50 24.40
N ILE B 209 -28.01 12.46 24.91
CA ILE B 209 -27.48 11.23 25.48
C ILE B 209 -28.22 10.84 26.76
N ALA B 210 -28.99 11.79 27.36
CA ALA B 210 -29.85 11.49 28.49
C ALA B 210 -31.13 10.75 28.11
N GLU B 211 -31.38 10.51 26.82
CA GLU B 211 -32.61 9.85 26.40
C GLU B 211 -32.40 8.90 25.23
N LEU B 212 -33.40 8.80 24.34
CA LEU B 212 -33.54 7.68 23.38
C LEU B 212 -32.28 7.34 22.60
N TYR B 220 -31.22 6.36 14.88
CA TYR B 220 -31.04 6.84 13.53
C TYR B 220 -29.58 7.28 13.35
N LYS B 221 -29.04 6.98 12.18
CA LYS B 221 -27.69 7.41 11.86
C LYS B 221 -27.58 8.94 11.89
N ASP B 222 -28.64 9.65 11.48
CA ASP B 222 -28.48 11.09 11.34
C ASP B 222 -28.40 11.78 12.70
N SER B 223 -29.09 11.25 13.71
CA SER B 223 -28.92 11.81 15.04
C SER B 223 -27.51 11.58 15.56
N THR B 224 -26.97 10.37 15.38
CA THR B 224 -25.66 10.11 15.99
C THR B 224 -24.54 10.84 15.27
N LEU B 225 -24.66 11.08 13.95
CA LEU B 225 -23.64 11.85 13.24
C LEU B 225 -23.50 13.25 13.84
N ILE B 226 -24.62 13.94 14.06
CA ILE B 226 -24.56 15.28 14.60
C ILE B 226 -24.02 15.27 16.03
N MET B 227 -24.45 14.31 16.85
CA MET B 227 -23.89 14.23 18.20
C MET B 227 -22.40 14.03 18.15
N GLN B 228 -21.93 13.24 17.17
CA GLN B 228 -20.50 13.10 16.92
C GLN B 228 -19.86 14.46 16.68
N LEU B 229 -20.45 15.27 15.79
CA LEU B 229 -19.92 16.60 15.53
C LEU B 229 -19.98 17.48 16.79
N LEU B 230 -21.00 17.30 17.63
CA LEU B 230 -21.06 18.06 18.87
C LEU B 230 -19.91 17.68 19.80
N ARG B 231 -19.66 16.38 19.97
CA ARG B 231 -18.54 15.98 20.82
C ARG B 231 -17.20 16.40 20.23
N ASP B 232 -17.04 16.32 18.90
CA ASP B 232 -15.76 16.69 18.29
C ASP B 232 -15.41 18.16 18.54
N ASN B 233 -16.34 19.07 18.21
CA ASN B 233 -16.13 20.49 18.48
C ASN B 233 -15.83 20.72 19.96
N LEU B 234 -16.61 20.07 20.82
CA LEU B 234 -16.43 20.24 22.26
C LEU B 234 -15.01 19.86 22.68
N THR B 235 -14.51 18.71 22.20
CA THR B 235 -13.12 18.32 22.46
C THR B 235 -12.15 19.40 22.02
N LEU B 236 -12.28 19.84 20.77
CA LEU B 236 -11.39 20.85 20.23
C LEU B 236 -11.42 22.13 21.08
N TRP B 237 -12.62 22.58 21.45
CA TRP B 237 -12.73 23.84 22.19
C TRP B 237 -12.14 23.76 23.58
N THR B 238 -12.03 22.56 24.16
CA THR B 238 -11.48 22.43 25.51
C THR B 238 -9.95 22.48 25.51
N ASP C 32 3.89 16.59 5.36
CA ASP C 32 4.53 15.34 4.95
C ASP C 32 3.48 14.28 4.57
N PRO C 33 3.38 13.99 3.27
CA PRO C 33 2.40 12.99 2.83
C PRO C 33 2.80 11.54 3.10
N PHE C 34 4.08 11.26 3.43
CA PHE C 34 4.60 9.90 3.55
C PHE C 34 5.06 9.54 4.97
N SER C 35 4.64 10.31 5.96
CA SER C 35 4.97 10.00 7.35
C SER C 35 4.30 8.69 7.76
N ASN C 36 4.76 8.16 8.89
CA ASN C 36 4.16 6.96 9.47
C ASN C 36 2.69 7.18 9.76
N ALA C 37 1.89 6.14 9.48
CA ALA C 37 0.44 6.26 9.64
C ALA C 37 0.06 6.66 11.05
N GLU C 38 0.83 6.20 12.05
CA GLU C 38 0.67 6.65 13.43
C GLU C 38 0.68 8.18 13.53
N VAL C 39 1.63 8.82 12.85
CA VAL C 39 1.64 10.28 12.74
C VAL C 39 0.52 10.76 11.84
N TYR C 40 0.52 10.28 10.57
CA TYR C 40 -0.34 10.84 9.52
C TYR C 40 -1.81 10.88 9.95
N TYR C 41 -2.25 9.88 10.70
CA TYR C 41 -3.64 9.74 11.11
C TYR C 41 -3.86 9.94 12.61
N GLY C 42 -2.83 10.37 13.34
CA GLY C 42 -2.91 10.50 14.78
C GLY C 42 -3.49 11.83 15.23
N ASN C 59 -9.62 26.71 10.79
CA ASN C 59 -11.03 27.08 10.67
C ASN C 59 -11.90 25.84 10.48
N ARG C 60 -12.51 25.73 9.29
CA ARG C 60 -13.40 24.61 9.01
C ARG C 60 -12.65 23.27 9.05
N THR C 61 -11.33 23.31 8.79
CA THR C 61 -10.46 22.16 9.06
C THR C 61 -10.52 21.70 10.51
N ARG C 62 -11.14 22.48 11.39
CA ARG C 62 -11.30 22.10 12.80
C ARG C 62 -12.76 22.17 13.24
N THR C 63 -13.30 23.40 13.41
CA THR C 63 -14.66 23.57 13.88
C THR C 63 -15.66 23.23 12.77
N MET C 64 -16.69 22.46 13.11
CA MET C 64 -17.66 22.04 12.09
C MET C 64 -19.10 22.36 12.38
N VAL C 66 -23.26 21.51 10.55
CA VAL C 66 -24.00 20.45 9.85
C VAL C 66 -23.62 20.32 8.36
N PHE C 67 -23.34 19.10 7.92
CA PHE C 67 -23.22 18.79 6.50
C PHE C 67 -24.60 18.42 5.96
N ASP C 68 -25.13 19.22 5.03
CA ASP C 68 -26.40 18.92 4.40
C ASP C 68 -26.32 19.27 2.92
N ASN C 69 -25.31 18.71 2.25
CA ASN C 69 -25.00 19.04 0.86
C ASN C 69 -25.68 18.13 -0.15
N VAL C 70 -26.37 17.08 0.30
CA VAL C 70 -26.93 16.08 -0.59
C VAL C 70 -28.39 15.84 -0.23
N SER C 71 -29.27 15.92 -1.22
CA SER C 71 -30.66 15.62 -1.00
C SER C 71 -30.82 14.12 -0.78
N PRO C 72 -31.89 13.71 -0.09
CA PRO C 72 -32.17 12.26 0.04
C PRO C 72 -32.49 11.59 -1.29
N PHE C 73 -32.81 12.34 -2.35
CA PHE C 73 -33.15 11.78 -3.65
C PHE C 73 -31.93 11.58 -4.55
N LYS C 74 -30.73 12.02 -4.15
CA LYS C 74 -29.65 12.15 -5.11
C LYS C 74 -29.07 10.80 -5.51
N LYS C 75 -28.97 9.85 -4.58
CA LYS C 75 -28.27 8.61 -4.88
C LYS C 75 -29.14 7.61 -5.62
N THR C 76 -30.43 7.53 -5.29
CA THR C 76 -31.30 6.50 -5.82
C THR C 76 -32.58 7.04 -6.45
N GLY C 77 -32.74 8.36 -6.57
CA GLY C 77 -33.96 8.89 -7.14
C GLY C 77 -34.11 8.62 -8.63
N PHE C 78 -32.99 8.43 -9.33
CA PHE C 78 -33.02 8.15 -10.77
C PHE C 78 -32.48 6.76 -11.08
N GLY C 79 -32.43 5.89 -10.08
CA GLY C 79 -31.83 4.59 -10.27
C GLY C 79 -30.32 4.67 -10.08
N LYS C 80 -29.65 3.62 -10.54
CA LYS C 80 -28.19 3.54 -10.52
C LYS C 80 -27.60 4.37 -11.67
N LEU C 81 -26.61 5.23 -11.35
CA LEU C 81 -26.01 6.14 -12.33
C LEU C 81 -24.49 6.23 -12.12
N GLN C 82 -23.77 5.18 -12.49
CA GLN C 82 -22.31 5.15 -12.30
C GLN C 82 -21.61 5.77 -13.51
N GLN C 83 -20.71 6.71 -13.25
CA GLN C 83 -19.92 7.29 -14.32
C GLN C 83 -18.96 6.25 -14.91
N THR C 84 -18.66 6.41 -16.19
CA THR C 84 -17.65 5.60 -16.84
C THR C 84 -16.31 6.28 -16.64
N ARG C 85 -15.30 5.47 -16.34
CA ARG C 85 -13.94 5.99 -16.28
C ARG C 85 -13.53 6.52 -17.64
N ARG C 86 -12.95 7.71 -17.66
CA ARG C 86 -12.36 8.24 -18.88
C ARG C 86 -10.93 7.75 -19.04
N GLY C 87 -10.59 7.36 -20.25
CA GLY C 87 -9.26 6.89 -20.53
C GLY C 87 -8.33 7.95 -21.12
N GLU C 89 -5.91 11.47 -21.14
CA GLU C 89 -4.89 11.96 -20.23
C GLU C 89 -5.53 12.77 -19.09
N ASP C 90 -6.48 13.65 -19.45
CA ASP C 90 -7.25 14.45 -18.50
C ASP C 90 -6.34 15.16 -17.48
N ASP C 91 -6.46 14.84 -16.19
CA ASP C 91 -5.77 15.61 -15.16
C ASP C 91 -4.47 14.95 -14.66
N THR C 92 -3.84 14.09 -15.49
CA THR C 92 -2.57 13.46 -15.12
C THR C 92 -1.54 14.47 -14.64
N TYR C 93 -1.45 15.62 -15.31
CA TYR C 93 -0.47 16.63 -14.93
C TYR C 93 -0.74 17.18 -13.52
N SER C 94 -1.99 17.48 -13.20
CA SER C 94 -2.30 17.90 -11.84
C SER C 94 -2.07 16.77 -10.85
N SER C 95 -2.32 15.52 -11.25
CA SER C 95 -2.10 14.39 -10.35
C SER C 95 -0.62 14.24 -9.98
N SER C 96 0.28 14.45 -10.93
CA SER C 96 1.68 14.27 -10.60
C SER C 96 2.33 15.52 -10.01
N GLN C 97 1.89 16.74 -10.40
CA GLN C 97 2.61 17.94 -9.99
C GLN C 97 1.80 18.92 -9.15
N GLY C 98 0.48 18.77 -9.04
CA GLY C 98 -0.38 19.77 -8.42
C GLY C 98 -0.42 19.80 -6.90
N ASN C 99 0.09 18.76 -6.23
CA ASN C 99 0.02 18.65 -4.76
C ASN C 99 -1.44 18.63 -4.29
N ARG C 100 -2.27 17.92 -5.04
CA ARG C 100 -3.71 17.89 -4.75
C ARG C 100 -3.98 17.17 -3.44
N ARG C 101 -5.02 17.63 -2.75
CA ARG C 101 -5.41 17.11 -1.45
C ARG C 101 -6.91 16.93 -1.48
N PHE C 102 -7.38 15.91 -0.78
CA PHE C 102 -8.79 15.54 -0.72
C PHE C 102 -9.37 15.86 0.65
N PHE C 103 -10.67 16.12 0.68
CA PHE C 103 -11.42 16.21 1.93
C PHE C 103 -12.38 15.03 1.96
N ILE C 104 -12.11 14.09 2.85
CA ILE C 104 -12.99 12.96 3.12
C ILE C 104 -13.83 13.32 4.34
N GLU C 105 -15.05 13.78 4.07
CA GLU C 105 -15.97 14.20 5.12
C GLU C 105 -16.34 13.05 6.05
N ASP C 106 -16.63 11.89 5.49
CA ASP C 106 -17.09 10.73 6.26
C ASP C 106 -16.29 9.52 5.78
N VAL C 107 -15.33 9.08 6.60
CA VAL C 107 -14.42 8.01 6.17
C VAL C 107 -15.19 6.73 5.92
N ASP C 108 -16.14 6.40 6.80
CA ASP C 108 -16.87 5.14 6.70
C ASP C 108 -17.81 5.11 5.51
N LYS C 109 -18.46 6.24 5.23
CA LYS C 109 -19.33 6.31 4.06
C LYS C 109 -18.54 6.14 2.78
N THR C 110 -17.40 6.83 2.65
CA THR C 110 -16.61 6.70 1.44
C THR C 110 -16.07 5.28 1.28
N LEU C 111 -15.60 4.69 2.38
CA LEU C 111 -15.13 3.31 2.39
C LEU C 111 -16.19 2.36 1.85
N ASN C 112 -17.42 2.50 2.36
CA ASN C 112 -18.49 1.59 1.98
C ASN C 112 -18.87 1.79 0.52
N GLU C 113 -18.88 3.05 0.04
CA GLU C 113 -19.13 3.33 -1.38
C GLU C 113 -18.09 2.66 -2.26
N LEU C 114 -16.81 2.84 -1.91
CA LEU C 114 -15.71 2.29 -2.70
C LEU C 114 -15.80 0.77 -2.75
N LEU C 115 -16.07 0.11 -1.63
CA LEU C 115 -16.22 -1.33 -1.64
C LEU C 115 -17.48 -1.76 -2.38
N ALA C 116 -18.57 -0.98 -2.28
CA ALA C 116 -19.79 -1.35 -2.98
C ALA C 116 -19.62 -1.29 -4.48
N ALA C 117 -18.87 -0.31 -4.97
CA ALA C 117 -18.64 -0.14 -6.40
C ALA C 117 -17.46 -0.97 -6.91
N GLU C 118 -16.37 -1.07 -6.16
CA GLU C 118 -15.15 -1.61 -6.75
C GLU C 118 -14.76 -3.00 -6.27
N ASP C 119 -15.33 -3.48 -5.17
CA ASP C 119 -14.99 -4.82 -4.67
C ASP C 119 -16.14 -5.75 -5.04
N THR C 120 -16.07 -6.33 -6.24
CA THR C 120 -17.19 -7.14 -6.71
C THR C 120 -17.15 -8.58 -6.20
N ASP C 121 -15.98 -9.13 -5.89
CA ASP C 121 -15.95 -10.47 -5.31
C ASP C 121 -16.06 -10.44 -3.78
N LYS C 122 -16.18 -9.26 -3.18
CA LYS C 122 -16.49 -9.11 -1.76
C LYS C 122 -15.38 -9.69 -0.85
N ASN C 123 -14.11 -9.53 -1.25
CA ASN C 123 -13.00 -9.96 -0.41
C ASN C 123 -12.30 -8.81 0.31
N TYR C 124 -12.97 -7.66 0.46
CA TYR C 124 -12.39 -6.46 1.08
C TYR C 124 -11.06 -6.07 0.44
N GLN C 125 -10.94 -6.30 -0.87
CA GLN C 125 -9.72 -5.99 -1.61
C GLN C 125 -10.12 -5.43 -2.96
N ILE C 126 -9.34 -4.49 -3.47
CA ILE C 126 -9.59 -3.97 -4.81
C ILE C 126 -8.43 -4.44 -5.67
N THR C 127 -8.68 -5.40 -6.57
CA THR C 127 -7.65 -6.02 -7.40
C THR C 127 -8.09 -6.01 -8.85
N ILE C 128 -7.17 -6.39 -9.73
CA ILE C 128 -7.49 -6.42 -11.16
C ILE C 128 -8.55 -7.46 -11.52
N GLU C 129 -8.89 -8.35 -10.60
CA GLU C 129 -9.97 -9.29 -10.84
C GLU C 129 -11.34 -8.76 -10.44
N ASP C 130 -11.38 -7.63 -9.73
CA ASP C 130 -12.64 -6.94 -9.49
C ASP C 130 -13.11 -6.28 -10.78
N THR C 131 -14.43 -6.28 -10.99
CA THR C 131 -15.00 -5.86 -12.25
C THR C 131 -15.80 -4.57 -12.14
N GLY C 132 -15.38 -3.66 -11.23
CA GLY C 132 -16.05 -2.39 -11.09
C GLY C 132 -15.60 -1.40 -12.13
N PRO C 133 -16.17 -0.19 -12.06
CA PRO C 133 -15.89 0.82 -13.11
C PRO C 133 -14.51 1.42 -13.04
N LYS C 134 -13.79 1.29 -11.91
CA LYS C 134 -12.42 1.75 -11.76
C LYS C 134 -12.29 3.27 -11.77
N VAL C 135 -13.31 3.97 -11.24
CA VAL C 135 -13.23 5.40 -11.01
C VAL C 135 -14.10 5.74 -9.81
N LEU C 136 -13.64 6.69 -9.01
CA LEU C 136 -14.41 7.18 -7.87
C LEU C 136 -14.16 8.68 -7.71
N LYS C 137 -15.22 9.46 -7.49
CA LYS C 137 -15.13 10.88 -7.16
C LYS C 137 -14.79 11.08 -5.68
N VAL C 138 -13.84 11.96 -5.38
CA VAL C 138 -13.55 12.36 -4.00
C VAL C 138 -13.46 13.88 -3.93
N GLY C 139 -13.97 14.44 -2.84
CA GLY C 139 -14.00 15.90 -2.72
C GLY C 139 -12.61 16.47 -2.52
N THR C 140 -12.39 17.66 -3.09
CA THR C 140 -11.10 18.33 -2.97
C THR C 140 -11.03 19.07 -1.64
N ALA C 141 -9.81 19.18 -1.10
CA ALA C 141 -9.64 19.87 0.18
C ALA C 141 -10.01 21.35 0.09
N ASN C 142 -9.58 22.02 -1.00
CA ASN C 142 -9.73 23.45 -1.10
C ASN C 142 -11.19 23.90 -1.26
N SER C 143 -12.05 23.01 -1.75
CA SER C 143 -13.48 23.30 -1.84
C SER C 143 -14.24 22.71 -0.66
N TYR C 144 -13.53 22.17 0.33
CA TYR C 144 -14.15 21.56 1.50
C TYR C 144 -15.23 20.56 1.06
N GLY C 145 -14.93 19.79 0.03
CA GLY C 145 -15.79 18.73 -0.42
C GLY C 145 -16.85 19.14 -1.42
N TYR C 146 -16.99 20.42 -1.75
CA TYR C 146 -18.08 20.83 -2.63
C TYR C 146 -17.77 20.59 -4.10
N LYS C 147 -16.48 20.44 -4.44
CA LYS C 147 -16.05 19.98 -5.74
C LYS C 147 -15.23 18.70 -5.58
N HIS C 148 -15.12 17.92 -6.67
CA HIS C 148 -14.47 16.62 -6.59
C HIS C 148 -13.61 16.38 -7.82
N ILE C 149 -12.65 15.46 -7.68
CA ILE C 149 -11.88 14.95 -8.79
C ILE C 149 -12.06 13.44 -8.83
N ASN C 150 -11.61 12.83 -9.95
CA ASN C 150 -11.72 11.40 -10.16
C ASN C 150 -10.42 10.68 -9.83
N ILE C 151 -10.51 9.62 -9.05
CA ILE C 151 -9.41 8.69 -8.85
C ILE C 151 -9.64 7.52 -9.80
N ARG C 152 -8.69 7.25 -10.68
CA ARG C 152 -8.88 6.23 -11.72
C ARG C 152 -7.95 5.05 -11.49
N GLY C 153 -8.47 3.86 -11.74
CA GLY C 153 -7.62 2.68 -11.86
C GLY C 153 -7.61 1.84 -10.60
N THR C 154 -7.42 0.55 -10.80
CA THR C 154 -7.32 -0.43 -9.72
C THR C 154 -6.29 -0.04 -8.67
N TYR C 155 -5.13 0.45 -9.10
CA TYR C 155 -4.02 0.67 -8.17
C TYR C 155 -4.28 1.85 -7.24
N MET C 156 -4.64 3.00 -7.79
CA MET C 156 -4.86 4.15 -6.90
C MET C 156 -6.12 3.95 -6.04
N LEU C 157 -7.13 3.26 -6.57
CA LEU C 157 -8.31 2.95 -5.77
C LEU C 157 -7.99 1.95 -4.67
N SER C 158 -7.13 0.96 -4.95
CA SER C 158 -6.70 0.06 -3.88
C SER C 158 -5.93 0.80 -2.80
N ASN C 159 -5.05 1.70 -3.19
CA ASN C 159 -4.34 2.53 -2.20
C ASN C 159 -5.34 3.36 -1.39
N LEU C 160 -6.39 3.88 -2.04
CA LEU C 160 -7.38 4.66 -1.31
C LEU C 160 -8.09 3.80 -0.27
N LEU C 161 -8.53 2.61 -0.70
CA LEU C 161 -9.07 1.62 0.24
C LEU C 161 -8.14 1.41 1.42
N GLN C 162 -6.84 1.27 1.14
CA GLN C 162 -5.87 1.04 2.21
C GLN C 162 -5.80 2.25 3.14
N GLU C 163 -5.58 3.45 2.58
CA GLU C 163 -5.48 4.63 3.43
C GLU C 163 -6.74 4.81 4.28
N LEU C 164 -7.93 4.62 3.70
CA LEU C 164 -9.16 4.79 4.47
C LEU C 164 -9.30 3.74 5.56
N THR C 165 -8.95 2.49 5.25
CA THR C 165 -8.99 1.42 6.23
C THR C 165 -8.05 1.72 7.39
N ILE C 166 -6.87 2.24 7.08
CA ILE C 166 -5.88 2.56 8.11
C ILE C 166 -6.33 3.75 8.95
N ALA C 167 -6.86 4.79 8.30
CA ALA C 167 -7.44 5.90 9.04
C ALA C 167 -8.54 5.43 9.97
N LYS C 168 -9.37 4.49 9.52
CA LYS C 168 -10.44 4.00 10.38
C LYS C 168 -9.86 3.28 11.59
N SER C 169 -8.77 2.53 11.38
CA SER C 169 -8.12 1.82 12.46
C SER C 169 -7.59 2.75 13.55
N PHE C 170 -7.31 4.01 13.20
CA PHE C 170 -6.87 5.03 14.15
C PHE C 170 -8.03 5.89 14.66
N GLY C 171 -9.27 5.44 14.44
CA GLY C 171 -10.44 6.13 14.96
C GLY C 171 -10.88 7.35 14.18
N ARG C 172 -10.13 7.76 13.17
CA ARG C 172 -10.50 8.88 12.32
C ARG C 172 -11.79 8.60 11.56
N HIS C 173 -12.74 9.53 11.63
CA HIS C 173 -13.92 9.44 10.79
C HIS C 173 -14.04 10.59 9.80
N GLN C 174 -13.03 11.45 9.74
CA GLN C 174 -12.97 12.48 8.73
C GLN C 174 -11.51 12.88 8.55
N ILE C 175 -11.04 13.00 7.30
CA ILE C 175 -9.62 13.17 7.03
C ILE C 175 -9.38 14.10 5.84
N PHE C 176 -8.23 14.75 5.86
CA PHE C 176 -7.63 15.34 4.67
C PHE C 176 -6.60 14.35 4.17
N LEU C 177 -6.46 14.24 2.86
CA LEU C 177 -5.67 13.15 2.31
C LEU C 177 -4.89 13.66 1.11
N ASP C 178 -3.57 13.50 1.15
CA ASP C 178 -2.71 13.88 0.03
C ASP C 178 -2.82 12.85 -1.09
N GLU C 179 -3.06 13.32 -2.31
CA GLU C 179 -3.05 12.42 -3.45
C GLU C 179 -1.71 11.70 -3.57
N ALA C 180 -0.64 12.30 -3.05
CA ALA C 180 0.67 11.68 -3.19
C ALA C 180 0.73 10.38 -2.41
N ARG C 181 -0.07 10.25 -1.37
CA ARG C 181 -0.15 9.02 -0.59
C ARG C 181 -0.95 7.92 -1.30
N ILE C 182 -1.63 8.21 -2.40
CA ILE C 182 -2.36 7.16 -3.10
C ILE C 182 -1.92 6.98 -4.55
N ASN C 183 -1.23 7.94 -5.15
CA ASN C 183 -0.59 7.73 -6.45
C ASN C 183 0.90 7.42 -6.30
N GLU C 184 1.33 7.00 -5.11
CA GLU C 184 2.73 6.71 -4.83
C GLU C 184 3.27 5.64 -5.78
N ASN C 185 4.46 5.88 -6.33
CA ASN C 185 5.16 4.89 -7.13
C ASN C 185 5.24 3.57 -6.36
N PRO C 186 4.83 2.45 -6.95
CA PRO C 186 4.76 1.18 -6.19
C PRO C 186 6.10 0.72 -5.63
N VAL C 187 7.20 0.99 -6.32
CA VAL C 187 8.50 0.59 -5.77
C VAL C 187 8.80 1.38 -4.50
N ASN C 188 8.53 2.70 -4.52
CA ASN C 188 8.72 3.50 -3.31
C ASN C 188 7.77 3.08 -2.22
N ARG C 189 6.54 2.68 -2.58
CA ARG C 189 5.54 2.39 -1.56
C ARG C 189 5.86 1.09 -0.83
N LEU C 190 6.15 0.02 -1.57
CA LEU C 190 6.47 -1.23 -0.91
C LEU C 190 7.76 -1.11 -0.08
N SER C 191 8.75 -0.38 -0.59
CA SER C 191 9.98 -0.18 0.19
C SER C 191 9.69 0.54 1.49
N ARG C 192 8.90 1.62 1.40
CA ARG C 192 8.53 2.37 2.60
C ARG C 192 7.86 1.47 3.60
N LEU C 193 6.89 0.68 3.14
CA LEU C 193 6.08 -0.10 4.07
C LEU C 193 6.90 -1.21 4.72
N ILE C 194 7.78 -1.85 3.93
CA ILE C 194 8.71 -2.82 4.50
C ILE C 194 9.60 -2.17 5.56
N ASN C 195 10.20 -1.03 5.20
CA ASN C 195 11.17 -0.40 6.09
C ASN C 195 10.53 0.16 7.35
N THR C 196 9.34 0.77 7.21
CA THR C 196 8.74 1.57 8.30
C THR C 196 7.56 0.94 9.00
N GLN C 197 6.99 -0.11 8.50
CA GLN C 197 5.78 -0.65 9.09
C GLN C 197 5.84 -2.17 9.25
N PHE C 198 6.36 -2.88 8.25
CA PHE C 198 6.37 -4.34 8.31
C PHE C 198 7.34 -4.86 9.36
N TRP C 199 8.55 -4.30 9.45
CA TRP C 199 9.51 -4.78 10.46
C TRP C 199 8.98 -4.59 11.87
N ASN C 200 8.39 -3.42 12.15
CA ASN C 200 7.81 -3.18 13.48
C ASN C 200 6.77 -4.22 13.83
N SER C 201 5.89 -4.52 12.88
CA SER C 201 4.85 -5.51 13.13
C SER C 201 5.42 -6.92 13.26
N LEU C 202 6.52 -7.23 12.57
CA LEU C 202 7.21 -8.50 12.76
C LEU C 202 8.10 -8.54 14.02
N THR C 203 8.19 -7.45 14.79
CA THR C 203 9.12 -7.43 15.93
C THR C 203 8.43 -7.96 17.21
N ARG C 204 9.18 -8.74 17.98
CA ARG C 204 8.73 -9.29 19.25
C ARG C 204 9.74 -8.94 20.35
N ARG C 205 9.25 -8.85 21.59
CA ARG C 205 10.16 -8.60 22.70
C ARG C 205 9.49 -9.05 23.98
N VAL C 206 9.93 -10.18 24.54
CA VAL C 206 9.34 -10.72 25.77
C VAL C 206 9.44 -9.69 26.90
N ASP C 207 8.30 -9.40 27.55
CA ASP C 207 8.30 -8.63 28.79
C ASP C 207 7.30 -9.28 29.73
N LEU C 208 7.18 -8.74 30.95
CA LEU C 208 6.31 -9.35 31.96
C LEU C 208 4.86 -9.44 31.50
N ASN C 209 4.44 -8.57 30.60
CA ASN C 209 3.02 -8.50 30.28
C ASN C 209 2.63 -9.30 29.06
N ASN C 210 3.59 -9.81 28.28
CA ASN C 210 3.23 -10.60 27.11
C ASN C 210 3.77 -12.02 27.09
N VAL C 211 4.52 -12.47 28.13
CA VAL C 211 5.10 -13.82 28.10
C VAL C 211 4.01 -14.85 27.86
N GLY C 212 2.91 -14.73 28.62
CA GLY C 212 1.83 -15.69 28.53
C GLY C 212 1.28 -15.81 27.13
N GLU C 213 1.06 -14.68 26.47
CA GLU C 213 0.52 -14.72 25.12
C GLU C 213 1.54 -15.27 24.13
N ILE C 214 2.79 -14.82 24.21
CA ILE C 214 3.79 -15.33 23.28
C ILE C 214 3.97 -16.83 23.46
N ALA C 215 3.85 -17.33 24.69
CA ALA C 215 4.06 -18.75 24.93
C ALA C 215 2.92 -19.61 24.42
N LYS C 216 1.73 -19.01 24.25
CA LYS C 216 0.54 -19.77 23.88
C LYS C 216 0.76 -20.44 22.53
N ASP C 217 0.29 -21.69 22.43
CA ASP C 217 0.61 -22.56 21.31
C ASP C 217 -0.63 -23.41 21.02
N THR C 218 -0.88 -23.67 19.75
CA THR C 218 -2.08 -24.41 19.38
C THR C 218 -1.83 -25.65 18.54
N LYS C 219 -0.57 -25.99 18.22
CA LYS C 219 -0.29 -27.12 17.35
C LYS C 219 -0.42 -28.48 18.04
N ILE C 220 -0.45 -28.53 19.37
CA ILE C 220 -0.62 -29.78 20.09
C ILE C 220 -1.93 -29.70 20.86
N ASP C 221 -2.81 -30.67 20.64
CA ASP C 221 -4.08 -30.74 21.34
C ASP C 221 -4.07 -31.96 22.26
N THR C 222 -3.23 -31.87 23.29
CA THR C 222 -3.26 -32.75 24.44
C THR C 222 -3.86 -32.00 25.62
N PRO C 223 -4.28 -32.69 26.68
CA PRO C 223 -4.64 -31.97 27.91
C PRO C 223 -3.52 -31.10 28.46
N GLY C 224 -2.27 -31.57 28.40
CA GLY C 224 -1.15 -30.82 28.95
C GLY C 224 -0.75 -29.59 28.16
N ALA C 225 -1.27 -29.43 26.94
CA ALA C 225 -1.02 -28.27 26.10
C ALA C 225 -2.11 -27.22 26.16
N LYS C 226 -3.12 -27.39 27.05
CA LYS C 226 -4.16 -26.38 27.18
C LYS C 226 -3.60 -25.07 27.70
N ASN C 227 -2.72 -25.14 28.72
CA ASN C 227 -2.15 -23.93 29.29
C ASN C 227 -0.85 -23.54 28.57
N PRO C 228 -0.52 -22.25 28.51
CA PRO C 228 0.81 -21.85 28.05
C PRO C 228 1.86 -22.30 29.06
N ARG C 229 3.06 -22.58 28.55
CA ARG C 229 4.13 -23.08 29.41
C ARG C 229 5.45 -22.51 28.91
N ILE C 230 6.35 -22.25 29.85
CA ILE C 230 7.69 -21.78 29.52
C ILE C 230 8.72 -22.68 30.19
N TYR C 231 9.70 -23.14 29.39
CA TYR C 231 10.82 -23.94 29.85
C TYR C 231 12.09 -23.08 29.97
N VAL C 232 12.81 -23.26 31.08
CA VAL C 232 13.93 -22.40 31.47
C VAL C 232 15.18 -23.25 31.65
N PRO C 233 16.33 -22.86 31.11
CA PRO C 233 17.57 -23.63 31.36
C PRO C 233 17.80 -23.76 32.86
N TYR C 234 18.30 -24.93 33.27
CA TYR C 234 18.42 -25.20 34.70
C TYR C 234 19.31 -24.20 35.42
N ASP C 235 20.20 -23.51 34.71
CA ASP C 235 21.13 -22.58 35.34
C ASP C 235 20.77 -21.11 35.05
N CYS C 236 19.49 -20.84 34.86
CA CYS C 236 19.01 -19.47 34.62
C CYS C 236 17.97 -19.11 35.67
N PRO C 237 18.35 -19.03 36.94
CA PRO C 237 17.34 -18.84 38.00
C PRO C 237 16.72 -17.45 38.01
N GLU C 238 17.46 -16.42 37.58
CA GLU C 238 16.85 -15.10 37.46
C GLU C 238 15.72 -15.11 36.43
N GLN C 239 15.89 -15.87 35.35
CA GLN C 239 14.87 -15.98 34.33
C GLN C 239 13.68 -16.79 34.84
N TYR C 240 13.97 -17.86 35.58
CA TYR C 240 12.89 -18.66 36.17
C TYR C 240 11.99 -17.80 37.04
N GLU C 241 12.59 -17.06 37.98
CA GLU C 241 11.83 -16.20 38.88
C GLU C 241 11.06 -15.12 38.11
N PHE C 242 11.62 -14.62 37.02
CA PHE C 242 10.92 -13.66 36.19
C PHE C 242 9.64 -14.24 35.60
N TYR C 243 9.73 -15.44 35.01
CA TYR C 243 8.55 -16.03 34.38
C TYR C 243 7.48 -16.41 35.40
N VAL C 244 7.90 -16.82 36.60
CA VAL C 244 6.97 -17.11 37.68
C VAL C 244 6.23 -15.82 38.07
N GLN C 245 6.99 -14.74 38.23
CA GLN C 245 6.41 -13.45 38.53
C GLN C 245 5.44 -13.05 37.44
N ALA C 246 5.79 -13.31 36.18
CA ALA C 246 4.86 -13.04 35.09
C ALA C 246 3.59 -13.85 35.24
N SER C 247 3.70 -15.11 35.66
CA SER C 247 2.53 -15.95 35.86
C SER C 247 1.61 -15.37 36.93
N GLN C 248 2.18 -15.00 38.07
CA GLN C 248 1.35 -14.59 39.19
C GLN C 248 0.69 -13.25 38.93
N MET C 249 1.29 -12.40 38.09
CA MET C 249 0.65 -11.16 37.70
C MET C 249 -0.48 -11.34 36.70
N HIS C 250 -0.52 -12.47 35.99
CA HIS C 250 -1.59 -12.75 35.03
C HIS C 250 -2.17 -14.13 35.25
N PRO C 251 -2.79 -14.36 36.42
CA PRO C 251 -3.19 -15.74 36.77
C PRO C 251 -4.23 -16.34 35.88
N SER C 252 -4.96 -15.55 35.08
CA SER C 252 -5.94 -16.13 34.18
C SER C 252 -5.29 -16.96 33.10
N LEU C 253 -4.05 -16.63 32.70
CA LEU C 253 -3.41 -17.41 31.65
C LEU C 253 -3.10 -18.83 32.11
N LYS C 254 -2.94 -19.03 33.43
CA LYS C 254 -2.44 -20.29 33.99
C LYS C 254 -1.10 -20.68 33.36
N LEU C 255 -0.17 -19.70 33.33
CA LEU C 255 1.16 -19.90 32.77
C LEU C 255 2.00 -20.83 33.66
N GLU C 256 2.52 -21.90 33.08
CA GLU C 256 3.38 -22.80 33.85
C GLU C 256 4.85 -22.57 33.52
N VAL C 257 5.69 -22.64 34.55
CA VAL C 257 7.14 -22.45 34.44
C VAL C 257 7.85 -23.70 34.94
N GLU C 258 8.75 -24.24 34.09
CA GLU C 258 9.44 -25.50 34.39
C GLU C 258 10.93 -25.37 34.10
N TYR C 259 11.76 -25.80 35.05
CA TYR C 259 13.19 -25.95 34.78
C TYR C 259 13.42 -27.13 33.84
N LEU C 260 14.22 -26.92 32.81
CA LEU C 260 14.75 -28.02 32.00
C LEU C 260 15.80 -28.80 32.78
N PRO C 261 16.04 -30.06 32.43
CA PRO C 261 17.04 -30.85 33.14
C PRO C 261 18.44 -30.36 32.82
N LYS C 262 19.39 -30.76 33.67
CA LYS C 262 20.78 -30.38 33.42
C LYS C 262 21.26 -30.87 32.06
N LYS C 263 20.81 -32.04 31.63
CA LYS C 263 21.22 -32.58 30.33
C LYS C 263 19.99 -32.96 29.53
N ILE C 264 19.88 -32.41 28.33
CA ILE C 264 18.68 -32.50 27.52
C ILE C 264 18.91 -33.58 26.49
N THR C 265 18.23 -34.71 26.66
CA THR C 265 18.40 -35.89 25.83
C THR C 265 17.19 -36.03 24.91
N ALA C 266 17.37 -36.83 23.84
CA ALA C 266 16.26 -37.13 22.96
C ALA C 266 15.13 -37.82 23.70
N GLU C 267 15.48 -38.64 24.72
CA GLU C 267 14.48 -39.29 25.55
C GLU C 267 13.65 -38.27 26.31
N TYR C 268 14.29 -37.24 26.87
CA TYR C 268 13.57 -36.23 27.62
C TYR C 268 12.63 -35.43 26.73
N VAL C 269 13.09 -35.05 25.54
CA VAL C 269 12.27 -34.23 24.65
C VAL C 269 10.99 -34.99 24.29
N LYS C 270 11.12 -36.28 23.97
CA LYS C 270 9.94 -37.10 23.75
C LYS C 270 9.05 -37.14 24.99
N SER C 271 9.66 -37.14 26.17
CA SER C 271 8.88 -37.20 27.40
C SER C 271 8.03 -35.95 27.65
N VAL C 272 8.28 -34.83 26.95
CA VAL C 272 7.46 -33.65 27.18
C VAL C 272 6.66 -33.35 25.93
N ASN C 273 6.37 -34.38 25.15
CA ASN C 273 5.53 -34.23 23.97
C ASN C 273 4.14 -33.72 24.36
N ASP C 274 3.62 -34.17 25.50
CA ASP C 274 2.28 -33.79 25.98
C ASP C 274 2.30 -32.58 26.89
N THR C 275 3.47 -32.02 27.19
CA THR C 275 3.58 -30.79 27.97
C THR C 275 4.48 -29.81 27.23
N PRO C 276 4.04 -29.30 26.09
CA PRO C 276 4.89 -28.40 25.30
C PRO C 276 5.01 -27.01 25.91
N GLY C 277 6.07 -26.32 25.50
CA GLY C 277 6.34 -25.02 26.05
C GLY C 277 7.16 -24.20 25.09
N LEU C 278 7.09 -22.88 25.28
CA LEU C 278 8.07 -21.98 24.72
C LEU C 278 9.39 -22.16 25.47
N LEU C 279 10.49 -21.79 24.81
CA LEU C 279 11.80 -21.81 25.44
C LEU C 279 12.27 -20.38 25.72
N ALA C 280 12.89 -20.20 26.88
CA ALA C 280 13.51 -18.93 27.24
C ALA C 280 14.59 -18.55 26.22
N LEU C 281 14.68 -17.24 25.92
CA LEU C 281 15.71 -16.66 25.07
C LEU C 281 16.50 -15.63 25.87
N ALA C 282 17.44 -14.94 25.20
CA ALA C 282 18.29 -13.99 25.91
C ALA C 282 17.46 -12.81 26.42
N MET C 283 17.85 -12.29 27.58
CA MET C 283 17.18 -11.20 28.26
C MET C 283 18.21 -10.22 28.82
N GLU C 284 17.76 -8.99 29.09
CA GLU C 284 18.60 -8.00 29.73
C GLU C 284 17.84 -7.34 30.88
N GLU C 285 18.58 -6.64 31.72
CA GLU C 285 17.99 -6.04 32.90
C GLU C 285 17.31 -4.73 32.56
N HIS C 286 16.18 -4.47 33.21
CA HIS C 286 15.42 -3.25 33.00
C HIS C 286 15.04 -2.68 34.36
N PHE C 287 15.01 -1.34 34.46
CA PHE C 287 14.65 -0.70 35.73
C PHE C 287 13.44 0.19 35.58
N ASN C 288 12.65 0.24 36.66
CA ASN C 288 11.56 1.21 36.78
C ASN C 288 12.12 2.61 37.02
N PRO C 289 11.68 3.61 36.25
CA PRO C 289 12.15 4.99 36.49
C PRO C 289 11.96 5.50 37.93
N SER C 290 10.81 5.19 38.54
CA SER C 290 10.50 5.78 39.84
C SER C 290 11.22 5.07 40.97
N THR C 291 11.06 3.75 41.05
CA THR C 291 11.56 3.03 42.20
C THR C 291 12.91 2.38 41.96
N GLY C 292 13.26 2.12 40.71
CA GLY C 292 14.43 1.32 40.44
C GLY C 292 14.24 -0.16 40.62
N GLU C 293 13.01 -0.64 40.79
CA GLU C 293 12.80 -2.08 40.79
C GLU C 293 13.33 -2.70 39.49
N LYS C 294 14.09 -3.78 39.63
CA LYS C 294 14.62 -4.51 38.48
C LYS C 294 13.60 -5.51 37.97
N THR C 295 13.45 -5.56 36.66
CA THR C 295 12.80 -6.69 36.02
C THR C 295 13.67 -7.11 34.84
N LEU C 296 13.25 -8.14 34.12
CA LEU C 296 13.96 -8.55 32.92
C LEU C 296 13.13 -8.19 31.70
N ILE C 297 13.81 -7.85 30.62
CA ILE C 297 13.17 -7.62 29.34
C ILE C 297 13.98 -8.35 28.27
N GLY C 298 13.30 -9.04 27.36
CA GLY C 298 13.99 -9.80 26.35
C GLY C 298 14.64 -8.90 25.30
N TYR C 299 15.77 -9.35 24.76
CA TYR C 299 16.24 -8.75 23.52
C TYR C 299 15.17 -8.89 22.44
N PRO C 300 15.05 -7.92 21.54
CA PRO C 300 14.05 -8.04 20.48
C PRO C 300 14.48 -9.01 19.39
N TYR C 301 13.49 -9.47 18.62
CA TYR C 301 13.72 -10.35 17.49
C TYR C 301 12.58 -10.18 16.50
N ALA C 302 12.78 -10.72 15.31
CA ALA C 302 11.78 -10.70 14.26
C ALA C 302 11.29 -12.12 14.01
N VAL C 303 10.01 -12.22 13.65
CA VAL C 303 9.37 -13.50 13.34
C VAL C 303 9.19 -13.56 11.83
N PRO C 304 9.10 -14.75 11.22
CA PRO C 304 8.98 -14.80 9.76
C PRO C 304 7.65 -14.27 9.23
N GLY C 305 6.60 -14.30 10.05
CA GLY C 305 5.29 -13.83 9.62
C GLY C 305 4.43 -13.48 10.81
N GLY C 306 3.42 -12.65 10.56
CA GLY C 306 2.61 -12.10 11.64
C GLY C 306 1.95 -13.14 12.54
N ARG C 307 1.62 -14.32 12.00
CA ARG C 307 0.98 -15.35 12.81
C ARG C 307 1.95 -16.08 13.74
N PHE C 308 3.24 -15.76 13.68
CA PHE C 308 4.28 -16.42 14.44
C PHE C 308 4.60 -15.63 15.71
N ASN C 309 4.94 -16.34 16.78
CA ASN C 309 5.58 -15.67 17.91
C ASN C 309 6.98 -16.19 18.21
N GLU C 310 7.46 -17.19 17.45
CA GLU C 310 8.70 -17.89 17.71
C GLU C 310 9.84 -17.29 16.90
N LEU C 311 11.03 -17.31 17.51
CA LEU C 311 12.25 -17.06 16.77
C LEU C 311 12.59 -18.28 15.93
N TYR C 312 12.79 -18.08 14.63
CA TYR C 312 13.16 -19.17 13.73
C TYR C 312 14.66 -19.13 13.41
N GLY C 313 15.11 -20.15 12.69
CA GLY C 313 16.53 -20.36 12.47
C GLY C 313 17.09 -19.56 11.31
N TRP C 314 17.07 -20.12 10.10
CA TRP C 314 17.74 -19.47 8.99
C TRP C 314 16.98 -18.24 8.43
N ASP C 315 15.67 -18.12 8.67
CA ASP C 315 14.99 -16.86 8.39
C ASP C 315 15.70 -15.68 9.04
N SER C 316 16.16 -15.87 10.28
CA SER C 316 16.66 -14.76 11.08
C SER C 316 17.84 -14.05 10.44
N TYR C 317 18.68 -14.78 9.71
CA TYR C 317 19.81 -14.16 9.03
C TYR C 317 19.36 -13.33 7.84
N MET C 318 18.49 -13.88 6.99
CA MET C 318 17.96 -13.09 5.87
C MET C 318 17.21 -11.85 6.38
N MET C 319 16.46 -12.01 7.47
CA MET C 319 15.77 -10.87 8.07
C MET C 319 16.75 -9.86 8.64
N ALA C 320 17.85 -10.34 9.25
CA ALA C 320 18.82 -9.39 9.79
C ALA C 320 19.35 -8.50 8.69
N LEU C 321 19.56 -9.07 7.51
CA LEU C 321 20.04 -8.29 6.37
C LEU C 321 19.08 -7.18 6.02
N GLY C 322 17.78 -7.49 5.95
CA GLY C 322 16.82 -6.44 5.65
C GLY C 322 16.72 -5.44 6.79
N LEU C 323 16.83 -5.92 8.04
CA LEU C 323 16.71 -5.05 9.20
C LEU C 323 17.86 -4.05 9.26
N LEU C 324 19.08 -4.48 8.92
CA LEU C 324 20.20 -3.55 8.85
C LEU C 324 19.96 -2.46 7.82
N GLU C 325 19.40 -2.83 6.66
CA GLU C 325 19.06 -1.83 5.66
C GLU C 325 18.06 -0.80 6.20
N ALA C 326 17.13 -1.25 7.05
CA ALA C 326 16.15 -0.36 7.64
C ALA C 326 16.67 0.34 8.90
N ASN C 327 17.95 0.21 9.22
CA ASN C 327 18.50 0.81 10.45
C ASN C 327 17.76 0.35 11.70
N LYS C 328 17.24 -0.88 11.66
CA LYS C 328 16.71 -1.51 12.87
C LYS C 328 17.73 -2.50 13.42
N THR C 329 18.95 -1.99 13.62
CA THR C 329 20.08 -2.84 13.96
C THR C 329 19.86 -3.59 15.27
N ASP C 330 19.11 -2.97 16.21
CA ASP C 330 18.88 -3.60 17.50
C ASP C 330 18.11 -4.91 17.36
N VAL C 331 17.22 -4.99 16.38
CA VAL C 331 16.50 -6.25 16.19
C VAL C 331 17.43 -7.31 15.63
N ALA C 332 18.27 -6.96 14.65
CA ALA C 332 19.23 -7.92 14.11
C ALA C 332 20.22 -8.37 15.17
N ARG C 333 20.73 -7.43 15.97
CA ARG C 333 21.65 -7.79 17.05
C ARG C 333 20.96 -8.64 18.09
N GLY C 334 19.70 -8.32 18.42
CA GLY C 334 18.96 -9.14 19.35
C GLY C 334 18.96 -10.61 18.97
N MET C 335 18.74 -10.92 17.69
CA MET C 335 18.69 -12.33 17.27
C MET C 335 20.07 -13.01 17.37
N VAL C 336 21.17 -12.29 17.09
CA VAL C 336 22.49 -12.85 17.36
C VAL C 336 22.61 -13.24 18.83
N GLU C 337 22.13 -12.36 19.72
CA GLU C 337 22.12 -12.65 21.15
C GLU C 337 21.36 -13.93 21.45
N HIS C 338 20.18 -14.11 20.83
CA HIS C 338 19.37 -15.30 21.08
C HIS C 338 20.04 -16.55 20.51
N PHE C 339 20.68 -16.43 19.36
CA PHE C 339 21.35 -17.60 18.80
C PHE C 339 22.52 -18.04 19.67
N ILE C 340 23.25 -17.09 20.29
CA ILE C 340 24.25 -17.46 21.28
C ILE C 340 23.59 -18.15 22.47
N PHE C 341 22.46 -17.59 22.94
CA PHE C 341 21.79 -18.17 24.10
C PHE C 341 21.35 -19.60 23.80
N GLU C 342 20.85 -19.84 22.59
CA GLU C 342 20.37 -21.18 22.23
C GLU C 342 21.52 -22.17 22.18
N ILE C 343 22.60 -21.79 21.50
CA ILE C 343 23.75 -22.67 21.41
C ILE C 343 24.27 -23.01 22.80
N ASN C 344 24.37 -22.02 23.68
CA ASN C 344 24.85 -22.26 25.05
C ASN C 344 23.96 -23.20 25.83
N HIS C 345 22.64 -22.97 25.80
CA HIS C 345 21.73 -23.67 26.69
C HIS C 345 20.97 -24.83 26.05
N TYR C 346 20.85 -24.89 24.72
CA TYR C 346 20.17 -25.98 24.06
C TYR C 346 21.07 -26.78 23.11
N GLY C 347 22.34 -26.43 23.02
CA GLY C 347 23.28 -27.19 22.23
C GLY C 347 23.34 -26.78 20.77
N LYS C 348 22.42 -25.95 20.32
CA LYS C 348 22.26 -25.74 18.88
C LYS C 348 21.38 -24.52 18.64
N ILE C 349 21.48 -23.98 17.44
CA ILE C 349 20.46 -23.06 16.96
C ILE C 349 19.23 -23.87 16.63
N LEU C 350 18.08 -23.49 17.21
CA LEU C 350 16.85 -24.26 17.07
C LEU C 350 16.03 -23.80 15.86
N ASN C 351 15.39 -24.78 15.19
CA ASN C 351 14.33 -24.52 14.19
C ASN C 351 13.40 -23.41 14.68
N ALA C 352 12.85 -23.58 15.88
CA ALA C 352 12.09 -22.54 16.54
C ALA C 352 12.19 -22.81 18.04
N ASN C 353 11.98 -21.76 18.83
CA ASN C 353 12.24 -21.90 20.26
C ASN C 353 11.02 -22.48 21.01
N ARG C 354 10.67 -23.71 20.67
CA ARG C 354 9.75 -24.52 21.47
C ARG C 354 10.38 -25.87 21.79
N SER C 355 9.84 -26.53 22.82
CA SER C 355 10.46 -27.75 23.36
C SER C 355 10.47 -28.87 22.34
N TYR C 356 9.40 -29.00 21.54
CA TYR C 356 9.41 -30.09 20.57
C TYR C 356 10.39 -29.86 19.43
N TYR C 357 11.17 -28.78 19.46
CA TYR C 357 12.22 -28.54 18.48
C TYR C 357 13.62 -28.71 19.05
N LEU C 358 13.73 -29.13 20.31
CA LEU C 358 15.00 -29.15 21.02
C LEU C 358 16.05 -30.05 20.38
N ARG C 360 16.26 -30.38 17.02
CA ARG C 360 16.27 -30.03 15.61
C ARG C 360 16.79 -28.62 15.34
N SER C 361 17.65 -28.50 14.34
CA SER C 361 18.26 -27.25 13.96
C SER C 361 17.68 -26.75 12.63
N GLN C 362 18.49 -25.97 11.92
CA GLN C 362 18.15 -25.38 10.63
C GLN C 362 19.45 -24.95 9.97
N PRO C 363 19.43 -24.60 8.69
CA PRO C 363 20.70 -24.30 7.99
C PRO C 363 21.47 -23.17 8.67
N PRO C 364 22.79 -23.37 8.92
CA PRO C 364 23.58 -22.45 9.79
C PRO C 364 24.19 -21.24 9.09
N PHE C 365 23.87 -20.03 9.61
CA PHE C 365 24.38 -18.77 9.06
C PHE C 365 25.01 -17.87 10.13
N LEU C 366 25.41 -18.42 11.29
CA LEU C 366 25.75 -17.55 12.42
C LEU C 366 27.00 -16.71 12.15
N THR C 367 28.02 -17.26 11.49
CA THR C 367 29.22 -16.45 11.33
C THR C 367 28.98 -15.26 10.40
N GLU C 368 28.25 -15.45 9.28
CA GLU C 368 27.92 -14.29 8.44
C GLU C 368 27.02 -13.29 9.15
N MET C 369 25.99 -13.79 9.86
CA MET C 369 25.08 -12.93 10.61
C MET C 369 25.85 -12.06 11.59
N ALA C 370 26.77 -12.68 12.33
CA ALA C 370 27.58 -11.95 13.29
C ALA C 370 28.44 -10.92 12.58
N LEU C 371 29.04 -11.28 11.45
CA LEU C 371 29.93 -10.35 10.77
C LEU C 371 29.16 -9.12 10.27
N VAL C 372 27.98 -9.32 9.70
CA VAL C 372 27.29 -8.19 9.08
C VAL C 372 26.75 -7.23 10.14
N VAL C 373 26.28 -7.76 11.28
CA VAL C 373 25.85 -6.92 12.40
C VAL C 373 27.06 -6.17 12.98
N PHE C 374 28.17 -6.90 13.19
CA PHE C 374 29.42 -6.32 13.70
C PHE C 374 29.81 -5.09 12.91
N LYS C 375 29.86 -5.22 11.57
CA LYS C 375 30.20 -4.08 10.74
C LYS C 375 29.21 -2.92 10.92
N LYS C 376 27.90 -3.23 10.96
CA LYS C 376 26.91 -2.16 11.05
C LYS C 376 27.01 -1.41 12.38
N LEU C 377 27.35 -2.11 13.46
CA LEU C 377 27.56 -1.49 14.76
C LEU C 377 28.85 -0.68 14.84
N GLY C 378 29.70 -0.67 13.82
CA GLY C 378 30.94 0.07 13.87
C GLY C 378 32.23 -0.75 13.95
N GLY C 379 32.17 -2.08 13.93
CA GLY C 379 33.36 -2.92 13.87
C GLY C 379 34.30 -2.77 15.06
N ARG C 380 35.60 -2.81 14.80
CA ARG C 380 36.58 -2.77 15.88
C ARG C 380 36.50 -1.49 16.70
N SER C 381 35.92 -0.42 16.16
CA SER C 381 35.85 0.84 16.90
C SER C 381 34.82 0.83 18.01
N ASN C 382 34.00 -0.21 18.11
CA ASN C 382 32.91 -0.27 19.08
C ASN C 382 33.17 -1.47 19.98
N PRO C 383 33.53 -1.25 21.25
CA PRO C 383 33.87 -2.41 22.11
C PRO C 383 32.67 -3.30 22.42
N ASP C 384 31.45 -2.76 22.42
CA ASP C 384 30.29 -3.65 22.54
C ASP C 384 30.19 -4.60 21.35
N ALA C 385 30.50 -4.12 20.15
CA ALA C 385 30.47 -4.92 18.94
C ALA C 385 31.60 -5.94 18.91
N VAL C 386 32.75 -5.58 19.48
CA VAL C 386 33.88 -6.50 19.52
C VAL C 386 33.57 -7.67 20.47
N ASP C 387 33.05 -7.36 21.65
CA ASP C 387 32.63 -8.40 22.58
C ASP C 387 31.53 -9.28 21.97
N LEU C 388 30.57 -8.67 21.26
CA LEU C 388 29.49 -9.46 20.67
C LEU C 388 30.02 -10.44 19.62
N LEU C 389 30.91 -9.95 18.74
CA LEU C 389 31.50 -10.78 17.72
C LEU C 389 32.25 -11.97 18.32
N LYS C 390 32.94 -11.75 19.45
CA LYS C 390 33.68 -12.83 20.09
C LYS C 390 32.75 -13.89 20.66
N ARG C 391 31.66 -13.46 21.31
CA ARG C 391 30.73 -14.42 21.87
C ARG C 391 30.01 -15.19 20.77
N ALA C 392 29.77 -14.55 19.63
CA ALA C 392 29.08 -15.22 18.53
C ALA C 392 30.00 -16.23 17.85
N PHE C 393 31.27 -15.88 17.67
CA PHE C 393 32.17 -16.83 17.04
C PHE C 393 32.54 -17.97 17.99
N GLN C 394 32.67 -17.69 19.29
CA GLN C 394 32.76 -18.80 20.25
C GLN C 394 31.56 -19.75 20.10
N ALA C 395 30.35 -19.20 20.05
CA ALA C 395 29.16 -20.03 19.89
C ALA C 395 29.16 -20.75 18.55
N SER C 396 29.57 -20.05 17.48
CA SER C 396 29.70 -20.68 16.17
C SER C 396 30.66 -21.87 16.19
N ILE C 397 31.81 -21.71 16.84
CA ILE C 397 32.80 -22.78 16.92
C ILE C 397 32.23 -23.97 17.66
N LYS C 398 31.54 -23.72 18.77
CA LYS C 398 30.89 -24.82 19.48
C LYS C 398 29.87 -25.52 18.59
N GLU C 399 29.07 -24.74 17.84
CA GLU C 399 28.03 -25.32 16.98
C GLU C 399 28.65 -26.19 15.88
N TYR C 400 29.68 -25.67 15.22
CA TYR C 400 30.41 -26.46 14.23
C TYR C 400 30.89 -27.79 14.82
N LYS C 401 31.50 -27.75 16.00
CA LYS C 401 32.19 -28.93 16.50
C LYS C 401 31.23 -29.96 17.08
N THR C 402 30.24 -29.51 17.83
CA THR C 402 29.39 -30.42 18.58
C THR C 402 28.03 -30.66 17.95
N VAL C 403 27.70 -30.00 16.83
CA VAL C 403 26.47 -30.32 16.10
C VAL C 403 26.80 -30.79 14.69
N TRP C 404 27.32 -29.88 13.87
CA TRP C 404 27.39 -30.15 12.44
C TRP C 404 28.48 -31.17 12.08
N THR C 405 29.63 -31.12 12.77
CA THR C 405 30.72 -32.06 12.50
C THR C 405 30.88 -33.07 13.64
N ALA C 406 29.79 -33.39 14.34
CA ALA C 406 29.77 -34.46 15.32
C ALA C 406 28.75 -35.49 14.88
N SER C 407 28.94 -36.73 15.33
CA SER C 407 27.92 -37.75 15.11
C SER C 407 26.60 -37.29 15.76
N PRO C 408 25.44 -37.66 15.17
CA PRO C 408 25.26 -38.49 13.96
C PRO C 408 25.18 -37.71 12.66
N ARG C 409 25.40 -36.39 12.69
CA ARG C 409 25.31 -35.62 11.46
C ARG C 409 26.54 -35.83 10.57
N LEU C 410 27.71 -35.97 11.19
CA LEU C 410 28.95 -36.23 10.46
C LEU C 410 28.91 -37.60 9.81
N ASP C 411 29.21 -37.66 8.51
CA ASP C 411 29.41 -38.93 7.85
C ASP C 411 30.87 -39.35 8.02
N PRO C 412 31.16 -40.38 8.82
CA PRO C 412 32.58 -40.71 9.08
C PRO C 412 33.36 -41.06 7.83
N GLU C 413 32.76 -41.77 6.87
CA GLU C 413 33.50 -42.15 5.69
C GLU C 413 33.93 -40.92 4.87
N THR C 414 32.97 -40.09 4.48
CA THR C 414 33.31 -38.95 3.62
C THR C 414 33.77 -37.74 4.42
N GLY C 415 33.43 -37.66 5.70
CA GLY C 415 33.71 -36.44 6.44
C GLY C 415 32.74 -35.29 6.18
N LEU C 416 31.76 -35.44 5.27
CA LEU C 416 30.76 -34.41 5.05
C LEU C 416 29.58 -34.61 6.01
N SER C 417 28.75 -33.57 6.14
CA SER C 417 27.67 -33.63 7.10
C SER C 417 26.30 -33.76 6.42
N ARG C 418 25.37 -34.35 7.18
CA ARG C 418 24.00 -34.59 6.78
C ARG C 418 23.05 -33.90 7.75
N TYR C 419 21.88 -33.52 7.26
CA TYR C 419 20.79 -33.11 8.15
C TYR C 419 20.22 -34.39 8.75
N HIS C 420 20.66 -34.73 9.96
CA HIS C 420 20.40 -36.06 10.54
C HIS C 420 20.18 -35.91 12.03
N PRO C 421 19.10 -35.23 12.42
CA PRO C 421 18.92 -34.92 13.84
C PRO C 421 18.58 -36.16 14.66
N ASN C 422 18.87 -36.08 15.96
CA ASN C 422 18.44 -37.07 16.93
C ASN C 422 16.96 -36.87 17.20
N GLY C 423 16.42 -37.68 18.10
CA GLY C 423 15.01 -37.57 18.42
C GLY C 423 14.28 -38.88 18.20
N LEU C 424 13.35 -39.21 19.09
CA LEU C 424 12.64 -40.48 19.05
C LEU C 424 11.15 -40.30 18.85
N GLY C 425 10.56 -41.29 18.18
CA GLY C 425 9.13 -41.38 18.09
C GLY C 425 8.54 -40.55 16.97
N ILE C 426 7.28 -40.22 17.14
CA ILE C 426 6.48 -39.51 16.14
C ILE C 426 6.49 -38.02 16.50
N PRO C 427 6.74 -37.13 15.55
CA PRO C 427 6.70 -35.68 15.84
C PRO C 427 5.32 -35.26 16.31
N PRO C 428 5.22 -34.63 17.48
CA PRO C 428 3.89 -34.36 18.06
C PRO C 428 3.20 -33.11 17.54
N GLU C 429 3.93 -32.19 16.91
CA GLU C 429 3.35 -30.88 16.60
C GLU C 429 2.57 -30.85 15.30
N THR C 430 2.69 -31.89 14.47
CA THR C 430 1.95 -31.93 13.23
C THR C 430 0.45 -32.15 13.51
N GLU C 431 -0.36 -32.04 12.45
CA GLU C 431 -1.79 -32.29 12.60
C GLU C 431 -2.04 -33.70 13.09
N SER C 432 -3.15 -33.87 13.82
CA SER C 432 -3.42 -35.12 14.54
C SER C 432 -3.42 -36.33 13.61
N ASP C 433 -3.74 -36.15 12.33
CA ASP C 433 -3.83 -37.27 11.40
C ASP C 433 -2.78 -37.22 10.29
N HIS C 434 -1.71 -36.43 10.47
CA HIS C 434 -0.78 -36.17 9.38
C HIS C 434 0.00 -37.43 8.98
N PHE C 435 0.23 -38.34 9.91
CA PHE C 435 1.02 -39.55 9.66
C PHE C 435 0.15 -40.81 9.61
N ASP C 436 -1.16 -40.67 9.48
CA ASP C 436 -2.03 -41.83 9.57
C ASP C 436 -1.90 -42.75 8.35
N THR C 437 -1.84 -42.16 7.15
CA THR C 437 -1.60 -42.96 5.94
C THR C 437 -0.30 -43.78 6.03
N VAL C 438 0.59 -43.47 6.98
CA VAL C 438 1.78 -44.29 7.21
C VAL C 438 1.68 -44.94 8.57
N LEU C 439 0.56 -45.59 8.85
CA LEU C 439 0.35 -46.22 10.16
C LEU C 439 -0.66 -47.35 10.00
N LEU C 440 -0.16 -48.56 9.82
CA LEU C 440 -0.96 -49.77 9.85
C LEU C 440 -0.29 -50.71 10.86
N PRO C 441 -1.02 -51.20 11.88
CA PRO C 441 -0.46 -52.14 12.86
C PRO C 441 -0.90 -53.61 12.64
N PHE C 453 -2.14 -47.33 18.48
CA PHE C 453 -0.82 -47.87 18.16
C PHE C 453 0.26 -46.84 18.46
N LYS C 454 -0.08 -45.57 18.19
CA LYS C 454 0.89 -44.47 18.33
C LYS C 454 1.57 -44.51 19.68
N GLN C 455 0.78 -44.69 20.74
CA GLN C 455 1.31 -44.67 22.09
C GLN C 455 2.35 -45.76 22.29
N LEU C 456 2.07 -46.96 21.79
CA LEU C 456 2.98 -48.08 22.03
C LEU C 456 4.27 -47.92 21.24
N TYR C 457 4.23 -47.23 20.09
CA TYR C 457 5.45 -47.02 19.31
C TYR C 457 6.34 -45.96 19.97
N ASN C 458 5.75 -44.85 20.43
CA ASN C 458 6.56 -43.85 21.12
C ASN C 458 7.10 -44.39 22.43
N ASP C 459 6.28 -45.15 23.17
CA ASP C 459 6.74 -45.76 24.41
C ASP C 459 7.81 -46.81 24.18
N GLY C 460 8.20 -47.06 22.93
CA GLY C 460 9.23 -48.02 22.65
C GLY C 460 8.82 -49.46 22.87
N LYS C 461 7.54 -49.70 23.13
CA LYS C 461 7.06 -51.07 23.32
C LYS C 461 7.23 -51.88 22.04
N ILE C 462 6.74 -51.36 20.91
CA ILE C 462 6.85 -52.05 19.63
C ILE C 462 7.86 -51.29 18.76
N LYS C 463 8.95 -51.97 18.42
CA LYS C 463 10.03 -51.38 17.64
C LYS C 463 9.82 -51.72 16.16
N GLU C 464 10.14 -50.75 15.29
CA GLU C 464 9.90 -50.88 13.85
C GLU C 464 10.91 -50.02 13.11
N PRO C 465 11.98 -50.62 12.59
CA PRO C 465 13.05 -49.80 12.00
C PRO C 465 12.70 -49.14 10.68
N LYS C 466 11.67 -49.61 9.96
CA LYS C 466 11.27 -48.90 8.76
C LYS C 466 10.50 -47.62 9.10
N LEU C 467 9.73 -47.64 10.19
CA LEU C 467 9.16 -46.41 10.72
C LEU C 467 10.25 -45.46 11.22
N ASP C 468 11.26 -46.01 11.91
CA ASP C 468 12.32 -45.16 12.46
C ASP C 468 13.05 -44.43 11.35
N GLU C 469 13.34 -45.13 10.24
CA GLU C 469 13.91 -44.46 9.07
C GLU C 469 12.94 -43.45 8.48
N PHE C 470 11.64 -43.76 8.47
CA PHE C 470 10.66 -42.81 7.94
C PHE C 470 10.73 -41.49 8.73
N PHE C 471 10.67 -41.58 10.06
CA PHE C 471 10.63 -40.38 10.88
C PHE C 471 11.98 -39.68 10.93
N LEU C 472 13.09 -40.44 10.81
CA LEU C 472 14.40 -39.80 10.75
C LEU C 472 14.54 -38.90 9.52
N HIS C 473 14.04 -39.36 8.37
CA HIS C 473 14.05 -38.53 7.18
C HIS C 473 13.11 -37.33 7.33
N ASP C 474 11.98 -37.52 8.00
CA ASP C 474 11.04 -36.43 8.24
C ASP C 474 11.68 -35.32 9.09
N ARG C 475 12.34 -35.70 10.19
CA ARG C 475 13.02 -34.70 11.01
C ARG C 475 14.14 -34.02 10.22
N GLY C 476 14.91 -34.80 9.46
CA GLY C 476 15.94 -34.20 8.64
C GLY C 476 15.41 -33.25 7.57
N VAL C 477 14.24 -33.56 7.01
CA VAL C 477 13.68 -32.67 5.99
C VAL C 477 13.39 -31.29 6.60
N ARG C 478 12.83 -31.27 7.82
CA ARG C 478 12.52 -30.02 8.50
C ARG C 478 13.80 -29.24 8.80
N GLU C 479 14.83 -29.92 9.32
CA GLU C 479 16.07 -29.26 9.68
C GLU C 479 16.76 -28.67 8.45
N SER C 480 16.52 -29.27 7.28
CA SER C 480 17.11 -28.75 6.04
C SER C 480 16.48 -27.43 5.59
N GLY C 481 15.39 -27.02 6.22
CA GLY C 481 14.67 -25.82 5.78
C GLY C 481 13.77 -26.05 4.58
N HIS C 482 14.00 -27.09 3.80
CA HIS C 482 13.30 -27.32 2.54
C HIS C 482 12.12 -28.30 2.72
N ASP C 483 11.23 -28.06 3.68
CA ASP C 483 10.11 -28.95 3.97
C ASP C 483 8.87 -28.45 3.21
N THR C 484 8.53 -29.10 2.09
CA THR C 484 9.14 -30.34 1.61
C THR C 484 9.46 -30.26 0.12
N THR C 485 10.27 -31.20 -0.35
CA THR C 485 10.76 -31.28 -1.72
C THR C 485 10.99 -32.75 -2.09
N TYR C 486 10.80 -33.09 -3.37
CA TYR C 486 11.17 -34.44 -3.82
C TYR C 486 12.68 -34.62 -3.86
N ARG C 487 13.48 -33.57 -3.62
CA ARG C 487 14.91 -33.79 -3.49
C ARG C 487 15.24 -34.58 -2.22
N PHE C 488 14.37 -34.52 -1.20
CA PHE C 488 14.68 -34.98 0.15
C PHE C 488 13.71 -36.01 0.70
N GLU C 489 12.51 -36.14 0.13
CA GLU C 489 11.53 -37.10 0.64
C GLU C 489 12.11 -38.51 0.64
N GLY C 490 12.13 -39.14 1.83
CA GLY C 490 12.54 -40.51 1.97
C GLY C 490 14.04 -40.76 1.96
N VAL C 491 14.87 -39.72 1.95
CA VAL C 491 16.31 -39.90 1.73
C VAL C 491 17.15 -38.83 2.42
N CYS C 492 16.49 -37.76 2.91
CA CYS C 492 17.20 -36.53 3.28
C CYS C 492 18.34 -36.77 4.28
N ALA C 493 18.06 -37.53 5.34
CA ALA C 493 19.04 -37.76 6.39
C ALA C 493 20.23 -38.60 5.91
N TYR C 494 20.22 -39.15 4.69
CA TYR C 494 21.39 -39.82 4.16
C TYR C 494 22.17 -38.95 3.19
N LEU C 495 21.69 -37.75 2.89
CA LEU C 495 22.36 -36.93 1.88
C LEU C 495 23.37 -36.01 2.54
N ALA C 496 24.56 -35.94 1.95
CA ALA C 496 25.50 -34.86 2.22
C ALA C 496 25.17 -33.79 1.19
N THR C 497 24.34 -32.81 1.60
CA THR C 497 23.86 -31.88 0.60
C THR C 497 24.96 -30.88 0.27
N ILE C 498 24.92 -30.36 -0.97
CA ILE C 498 25.69 -29.16 -1.26
C ILE C 498 25.26 -28.02 -0.33
N ASP C 499 23.99 -27.99 0.09
CA ASP C 499 23.46 -26.92 0.94
C ASP C 499 24.29 -26.79 2.21
N LEU C 500 24.28 -27.85 3.02
CA LEU C 500 24.85 -27.77 4.37
C LEU C 500 26.37 -27.63 4.32
N ASN C 501 27.02 -28.38 3.43
CA ASN C 501 28.48 -28.38 3.41
C ASN C 501 29.04 -27.12 2.79
N SER C 502 28.29 -26.45 1.92
CA SER C 502 28.67 -25.09 1.55
C SER C 502 28.64 -24.16 2.77
N LEU C 503 27.61 -24.28 3.59
CA LEU C 503 27.49 -23.37 4.73
C LEU C 503 28.57 -23.67 5.77
N LEU C 504 28.99 -24.94 5.90
CA LEU C 504 30.10 -25.27 6.79
C LEU C 504 31.42 -24.73 6.25
N TYR C 505 31.61 -24.78 4.93
CA TYR C 505 32.79 -24.14 4.36
C TYR C 505 32.86 -22.68 4.78
N LYS C 506 31.71 -22.00 4.77
CA LYS C 506 31.64 -20.61 5.19
C LYS C 506 32.04 -20.46 6.65
N TYR C 507 31.53 -21.34 7.52
CA TYR C 507 31.92 -21.32 8.92
C TYR C 507 33.45 -21.41 9.05
N GLU C 508 34.07 -22.35 8.34
CA GLU C 508 35.51 -22.58 8.51
C GLU C 508 36.32 -21.37 8.07
N ILE C 509 36.02 -20.82 6.90
CA ILE C 509 36.77 -19.66 6.42
C ILE C 509 36.59 -18.48 7.39
N ASP C 510 35.36 -18.27 7.85
CA ASP C 510 35.06 -17.16 8.75
C ASP C 510 35.69 -17.38 10.13
N ILE C 511 35.60 -18.60 10.66
CA ILE C 511 36.24 -18.88 11.94
C ILE C 511 37.75 -18.73 11.84
N ALA C 512 38.34 -19.02 10.67
CA ALA C 512 39.79 -18.83 10.52
C ALA C 512 40.16 -17.36 10.60
N ASP C 513 39.40 -16.51 9.91
CA ASP C 513 39.72 -15.07 9.94
C ASP C 513 39.59 -14.53 11.35
N PHE C 514 38.54 -14.94 12.07
CA PHE C 514 38.33 -14.47 13.44
C PHE C 514 39.47 -14.87 14.36
N ILE C 515 39.99 -16.11 14.20
CA ILE C 515 41.06 -16.55 15.08
C ILE C 515 42.32 -15.74 14.83
N LYS C 516 42.67 -15.53 13.56
CA LYS C 516 43.83 -14.71 13.22
C LYS C 516 43.74 -13.32 13.85
N GLU C 517 42.58 -12.68 13.73
CA GLU C 517 42.46 -11.25 13.99
C GLU C 517 41.97 -10.90 15.39
N PHE C 518 41.37 -11.83 16.12
CA PHE C 518 40.83 -11.51 17.43
C PHE C 518 41.27 -12.47 18.53
N CYS C 519 42.08 -13.48 18.20
CA CYS C 519 42.53 -14.48 19.14
C CYS C 519 44.03 -14.71 19.04
N ASP C 520 44.74 -13.78 18.39
CA ASP C 520 46.19 -13.87 18.23
C ASP C 520 46.61 -15.17 17.57
N ASP C 521 45.81 -15.61 16.60
CA ASP C 521 46.04 -16.82 15.81
C ASP C 521 46.10 -18.08 16.64
N LYS C 522 45.67 -18.02 17.90
CA LYS C 522 45.70 -19.18 18.79
C LYS C 522 44.39 -19.22 19.56
N TYR C 523 43.45 -20.07 19.13
CA TYR C 523 42.17 -20.24 19.82
C TYR C 523 42.21 -21.52 20.63
N GLU C 524 41.78 -21.43 21.89
CA GLU C 524 41.69 -22.58 22.78
C GLU C 524 40.23 -22.94 23.03
N ASP C 525 39.86 -24.15 22.69
CA ASP C 525 38.53 -24.63 22.96
C ASP C 525 38.26 -24.60 24.45
N PRO C 526 37.19 -23.92 24.91
CA PRO C 526 36.84 -24.04 26.32
C PRO C 526 36.39 -25.42 26.72
N LEU C 527 35.98 -26.26 25.76
CA LEU C 527 35.51 -27.61 26.08
C LEU C 527 36.66 -28.62 26.14
N ASP C 528 37.39 -28.81 25.02
CA ASP C 528 38.44 -29.81 24.97
C ASP C 528 39.83 -29.25 25.19
N HIS C 529 39.96 -27.92 25.31
CA HIS C 529 41.23 -27.25 25.56
C HIS C 529 42.26 -27.50 24.45
N SER C 530 41.79 -27.82 23.25
CA SER C 530 42.67 -27.85 22.09
C SER C 530 43.02 -26.43 21.66
N ILE C 531 44.12 -26.32 20.92
CA ILE C 531 44.57 -25.06 20.35
C ILE C 531 44.47 -25.19 18.83
N THR C 532 43.83 -24.20 18.19
CA THR C 532 43.77 -24.17 16.73
C THR C 532 44.15 -22.79 16.22
N THR C 533 44.66 -22.76 14.99
CA THR C 533 45.18 -21.57 14.33
C THR C 533 44.35 -21.26 13.08
N SER C 534 44.53 -20.06 12.53
CA SER C 534 43.81 -19.75 11.29
C SER C 534 44.22 -20.69 10.17
N ALA C 535 45.51 -21.04 10.10
CA ALA C 535 45.97 -21.97 9.06
C ALA C 535 45.32 -23.35 9.19
N MET C 536 45.07 -23.80 10.42
CA MET C 536 44.42 -25.08 10.60
C MET C 536 43.00 -25.07 10.07
N TRP C 537 42.26 -23.96 10.30
CA TRP C 537 40.87 -23.85 9.85
C TRP C 537 40.80 -23.63 8.34
N LYS C 538 41.72 -22.81 7.80
CA LYS C 538 41.81 -22.68 6.34
C LYS C 538 42.10 -24.02 5.69
N GLU C 539 42.83 -24.89 6.39
CA GLU C 539 43.13 -26.21 5.84
C GLU C 539 41.91 -27.12 5.88
N MET C 540 41.13 -27.08 6.97
CA MET C 540 39.89 -27.84 7.00
C MET C 540 38.93 -27.39 5.89
N ALA C 541 38.85 -26.08 5.62
CA ALA C 541 38.11 -25.58 4.47
C ALA C 541 38.65 -26.15 3.16
N LYS C 542 39.98 -26.17 2.97
CA LYS C 542 40.54 -26.72 1.74
C LYS C 542 40.18 -28.19 1.58
N ILE C 543 40.29 -28.96 2.66
CA ILE C 543 39.84 -30.35 2.64
C ILE C 543 38.38 -30.42 2.21
N ARG C 544 37.52 -29.65 2.88
CA ARG C 544 36.10 -29.62 2.54
C ARG C 544 35.88 -29.26 1.07
N GLN C 545 36.54 -28.20 0.60
CA GLN C 545 36.35 -27.75 -0.78
C GLN C 545 36.68 -28.86 -1.77
N GLU C 546 37.71 -29.66 -1.49
CA GLU C 546 38.06 -30.74 -2.42
C GLU C 546 37.19 -31.98 -2.21
N LYS C 547 36.70 -32.24 -0.99
CA LYS C 547 35.74 -33.33 -0.84
C LYS C 547 34.45 -33.02 -1.59
N ILE C 548 33.94 -31.78 -1.46
CA ILE C 548 32.69 -31.42 -2.14
C ILE C 548 32.84 -31.61 -3.65
N THR C 549 33.91 -31.06 -4.21
CA THR C 549 34.14 -31.28 -5.64
C THR C 549 34.21 -32.76 -5.97
N LYS C 550 34.88 -33.56 -5.13
CA LYS C 550 35.04 -34.98 -5.39
C LYS C 550 33.70 -35.71 -5.44
N TYR C 551 32.83 -35.46 -4.46
CA TYR C 551 31.60 -36.24 -4.34
C TYR C 551 30.41 -35.60 -5.02
N MET C 552 30.51 -34.36 -5.47
CA MET C 552 29.30 -33.61 -5.77
C MET C 552 29.38 -32.90 -7.11
N TRP C 553 30.57 -32.45 -7.49
CA TRP C 553 30.70 -31.65 -8.70
C TRP C 553 30.50 -32.51 -9.94
N ASP C 554 29.64 -32.05 -10.85
CA ASP C 554 29.32 -32.74 -12.08
C ASP C 554 29.68 -31.81 -13.24
N ASP C 555 30.87 -31.98 -13.80
CA ASP C 555 31.37 -31.08 -14.83
C ASP C 555 30.46 -31.02 -16.06
N GLU C 556 29.63 -32.03 -16.30
CA GLU C 556 28.86 -32.04 -17.55
C GLU C 556 27.60 -31.18 -17.43
N SER C 557 26.93 -31.23 -16.27
CA SER C 557 25.75 -30.40 -16.05
C SER C 557 26.08 -29.03 -15.48
N GLY C 558 27.26 -28.86 -14.89
CA GLY C 558 27.57 -27.62 -14.18
C GLY C 558 26.89 -27.48 -12.84
N PHE C 559 26.41 -28.58 -12.26
CA PHE C 559 25.75 -28.62 -10.95
C PHE C 559 26.67 -29.27 -9.92
N PHE C 560 26.50 -28.87 -8.65
CA PHE C 560 26.89 -29.68 -7.51
C PHE C 560 25.67 -30.49 -7.08
N PHE C 561 25.81 -31.82 -7.00
CA PHE C 561 24.68 -32.64 -6.61
C PHE C 561 24.87 -33.16 -5.20
N ASP C 562 23.80 -33.24 -4.43
CA ASP C 562 23.89 -33.90 -3.14
C ASP C 562 24.44 -35.30 -3.33
N TYR C 563 25.24 -35.76 -2.38
CA TYR C 563 25.84 -37.09 -2.46
C TYR C 563 25.21 -37.97 -1.38
N ASN C 564 24.64 -39.09 -1.79
CA ASN C 564 24.02 -40.00 -0.82
C ASN C 564 25.09 -40.85 -0.14
N THR C 565 25.11 -40.83 1.21
CA THR C 565 26.19 -41.46 1.96
C THR C 565 25.89 -42.89 2.43
N LYS C 566 24.63 -43.29 2.52
CA LYS C 566 24.37 -44.69 2.81
C LYS C 566 24.72 -45.57 1.62
N ILE C 567 24.08 -45.33 0.47
CA ILE C 567 24.36 -46.12 -0.73
C ILE C 567 25.58 -45.66 -1.48
N LYS C 568 26.24 -44.58 -1.05
CA LYS C 568 27.52 -44.13 -1.61
C LYS C 568 27.42 -43.84 -3.10
N HIS C 569 26.46 -42.99 -3.49
CA HIS C 569 26.43 -42.53 -4.86
C HIS C 569 25.84 -41.12 -4.94
N ARG C 570 26.34 -40.36 -5.90
CA ARG C 570 25.89 -39.00 -6.15
C ARG C 570 24.47 -38.97 -6.72
N THR C 571 23.69 -37.96 -6.35
CA THR C 571 22.36 -37.76 -6.88
C THR C 571 22.43 -37.04 -8.22
N SER C 572 21.27 -36.85 -8.86
CA SER C 572 21.17 -36.02 -10.06
C SER C 572 20.08 -34.96 -9.95
N TYR C 573 19.58 -34.71 -8.75
CA TYR C 573 18.50 -33.74 -8.58
C TYR C 573 19.04 -32.32 -8.72
N GLU C 574 18.56 -31.58 -9.71
CA GLU C 574 19.08 -30.25 -10.01
C GLU C 574 18.37 -29.20 -9.15
N SER C 575 19.14 -28.54 -8.26
CA SER C 575 18.58 -27.64 -7.25
C SER C 575 19.24 -26.27 -7.31
N ALA C 576 18.46 -25.23 -6.98
CA ALA C 576 18.99 -23.88 -6.93
C ALA C 576 20.04 -23.70 -5.86
N THR C 577 20.08 -24.58 -4.84
CA THR C 577 21.12 -24.50 -3.82
C THR C 577 22.51 -24.79 -4.37
N THR C 578 22.61 -25.24 -5.63
CA THR C 578 23.94 -25.33 -6.21
C THR C 578 24.64 -23.98 -6.14
N PHE C 579 23.88 -22.89 -6.09
CA PHE C 579 24.52 -21.58 -6.08
C PHE C 579 25.12 -21.24 -4.72
N TRP C 580 24.81 -22.01 -3.68
CA TRP C 580 25.41 -21.75 -2.38
C TRP C 580 26.92 -22.03 -2.37
N ALA C 581 27.44 -22.82 -3.33
CA ALA C 581 28.88 -22.99 -3.43
C ALA C 581 29.57 -21.70 -3.84
N LEU C 582 28.88 -20.88 -4.63
CA LEU C 582 29.36 -19.54 -4.93
C LEU C 582 29.23 -18.62 -3.71
N TRP C 583 28.08 -18.65 -3.02
CA TRP C 583 27.89 -17.78 -1.86
C TRP C 583 28.96 -18.05 -0.82
N ALA C 584 29.21 -19.32 -0.52
CA ALA C 584 30.20 -19.73 0.46
C ALA C 584 31.64 -19.57 -0.04
N GLY C 585 31.87 -19.35 -1.33
CA GLY C 585 33.19 -19.08 -1.85
C GLY C 585 34.04 -20.30 -2.19
N LEU C 586 33.47 -21.51 -2.18
CA LEU C 586 34.26 -22.72 -2.38
C LEU C 586 34.44 -23.10 -3.85
N ALA C 587 33.56 -22.65 -4.74
CA ALA C 587 33.73 -23.00 -6.14
C ALA C 587 35.01 -22.39 -6.71
N THR C 588 35.49 -22.98 -7.80
CA THR C 588 36.58 -22.38 -8.59
C THR C 588 35.99 -21.50 -9.69
N LYS C 589 36.84 -20.67 -10.29
CA LYS C 589 36.41 -19.87 -11.43
C LYS C 589 35.80 -20.76 -12.52
N GLU C 590 36.49 -21.84 -12.87
CA GLU C 590 36.00 -22.75 -13.91
C GLU C 590 34.69 -23.41 -13.50
N GLN C 591 34.55 -23.80 -12.24
CA GLN C 591 33.29 -24.39 -11.78
C GLN C 591 32.14 -23.37 -11.83
N ALA C 592 32.41 -22.15 -11.36
CA ALA C 592 31.38 -21.10 -11.41
C ALA C 592 30.96 -20.84 -12.84
N GLN C 593 31.94 -20.84 -13.76
CA GLN C 593 31.66 -20.49 -15.14
C GLN C 593 30.75 -21.52 -15.81
N LYS C 594 30.97 -22.82 -15.53
CA LYS C 594 30.11 -23.84 -16.10
C LYS C 594 28.74 -23.86 -15.46
N MET C 595 28.64 -23.39 -14.21
CA MET C 595 27.34 -23.34 -13.54
C MET C 595 26.47 -22.24 -14.12
N VAL C 596 27.06 -21.07 -14.37
CA VAL C 596 26.37 -20.00 -15.08
C VAL C 596 25.98 -20.44 -16.48
N GLU C 597 26.87 -21.15 -17.18
CA GLU C 597 26.58 -21.48 -18.57
C GLU C 597 25.50 -22.55 -18.71
N LYS C 598 25.50 -23.55 -17.83
CA LYS C 598 24.67 -24.74 -18.04
C LYS C 598 23.69 -25.01 -16.93
N ALA C 599 24.00 -24.66 -15.69
CA ALA C 599 23.01 -24.88 -14.63
C ALA C 599 21.96 -23.78 -14.60
N LEU C 600 22.39 -22.52 -14.71
CA LEU C 600 21.47 -21.38 -14.60
C LEU C 600 20.35 -21.40 -15.63
N PRO C 601 20.59 -21.74 -16.91
CA PRO C 601 19.46 -21.79 -17.87
C PRO C 601 18.40 -22.81 -17.52
N LYS C 602 18.72 -23.82 -16.71
CA LYS C 602 17.70 -24.77 -16.29
C LYS C 602 16.85 -24.25 -15.12
N LEU C 603 17.31 -23.20 -14.43
CA LEU C 603 16.62 -22.72 -13.24
C LEU C 603 16.05 -21.32 -13.38
N GLU C 604 16.55 -20.51 -14.30
CA GLU C 604 16.12 -19.12 -14.43
C GLU C 604 14.78 -19.11 -15.17
N MET C 605 13.70 -18.84 -14.43
CA MET C 605 12.37 -18.68 -15.01
C MET C 605 11.97 -17.20 -15.05
N LEU C 606 10.71 -16.97 -15.46
CA LEU C 606 10.20 -15.63 -15.66
C LEU C 606 10.44 -14.74 -14.44
N GLY C 607 10.10 -15.24 -13.26
CA GLY C 607 10.19 -14.48 -12.03
C GLY C 607 11.45 -14.68 -11.24
N GLY C 608 12.42 -15.48 -11.70
CA GLY C 608 13.62 -15.74 -10.94
C GLY C 608 14.05 -17.19 -10.96
N LEU C 609 14.71 -17.62 -9.89
CA LEU C 609 15.24 -18.99 -9.77
C LEU C 609 14.20 -19.91 -9.16
N ALA C 610 13.75 -20.90 -9.93
CA ALA C 610 12.97 -21.97 -9.35
C ALA C 610 13.82 -22.75 -8.36
N ALA C 611 13.15 -23.31 -7.34
CA ALA C 611 13.86 -24.06 -6.31
C ALA C 611 14.54 -25.30 -6.89
N CYS C 612 14.03 -25.84 -8.00
CA CYS C 612 14.65 -26.95 -8.71
C CYS C 612 14.12 -26.96 -10.14
N THR C 613 14.76 -27.76 -10.99
CA THR C 613 14.31 -27.87 -12.38
C THR C 613 13.03 -28.70 -12.47
N GLU C 614 12.25 -28.42 -13.51
CA GLU C 614 11.06 -29.23 -13.78
C GLU C 614 11.43 -30.69 -14.05
N ARG C 615 12.56 -30.93 -14.71
CA ARG C 615 12.99 -32.31 -14.95
C ARG C 615 13.22 -33.06 -13.64
N SER C 616 13.97 -32.47 -12.71
CA SER C 616 14.28 -33.19 -11.47
C SER C 616 13.03 -33.44 -10.63
N ARG C 617 12.11 -32.48 -10.56
CA ARG C 617 10.92 -32.70 -9.74
C ARG C 617 10.12 -33.90 -10.25
N GLY C 618 10.05 -34.09 -11.56
CA GLY C 618 9.38 -35.23 -12.14
C GLY C 618 7.89 -35.00 -12.32
N PRO C 619 7.15 -36.07 -12.63
CA PRO C 619 5.73 -35.92 -12.97
C PRO C 619 4.88 -35.81 -11.73
N ILE C 620 3.88 -34.94 -11.80
CA ILE C 620 2.94 -34.71 -10.71
C ILE C 620 1.63 -35.44 -11.02
N SER C 621 1.11 -36.14 -10.03
CA SER C 621 -0.15 -36.86 -10.12
C SER C 621 -0.82 -36.79 -8.76
N ILE C 622 -2.02 -37.39 -8.68
CA ILE C 622 -2.71 -37.50 -7.39
C ILE C 622 -1.85 -38.23 -6.38
N SER C 623 -1.14 -39.27 -6.81
CA SER C 623 -0.25 -40.02 -5.92
C SER C 623 1.00 -39.22 -5.55
N ARG C 624 1.37 -38.25 -6.38
CA ARG C 624 2.61 -37.50 -6.25
C ARG C 624 2.33 -36.00 -6.35
N PRO C 625 1.77 -35.40 -5.32
CA PRO C 625 1.33 -33.99 -5.41
C PRO C 625 2.51 -33.02 -5.40
N ILE C 626 2.19 -31.74 -5.69
CA ILE C 626 3.25 -30.74 -5.76
C ILE C 626 3.77 -30.44 -4.36
N ARG C 627 5.06 -30.15 -4.28
CA ARG C 627 5.71 -29.80 -3.02
C ARG C 627 6.28 -28.38 -3.13
N GLN C 628 6.26 -27.66 -2.02
CA GLN C 628 6.49 -26.23 -2.11
C GLN C 628 7.95 -25.83 -2.36
N TRP C 629 8.93 -26.68 -2.04
CA TRP C 629 10.32 -26.34 -2.34
C TRP C 629 10.80 -26.96 -3.65
N ASP C 630 9.89 -27.15 -4.60
CA ASP C 630 10.19 -27.62 -5.95
C ASP C 630 9.70 -26.61 -6.98
N TYR C 631 10.21 -26.77 -8.21
CA TYR C 631 9.59 -26.22 -9.41
C TYR C 631 8.07 -26.28 -9.28
N PRO C 632 7.32 -25.23 -9.69
CA PRO C 632 7.77 -23.96 -10.25
C PRO C 632 7.93 -22.81 -9.23
N PHE C 633 8.04 -23.14 -7.96
CA PHE C 633 8.08 -22.14 -6.90
C PHE C 633 9.49 -21.60 -6.68
N GLY C 634 9.52 -20.32 -6.34
CA GLY C 634 10.75 -19.61 -6.07
C GLY C 634 10.69 -19.04 -4.66
N TRP C 635 11.79 -19.15 -3.95
CA TRP C 635 11.85 -18.69 -2.57
C TRP C 635 12.92 -17.62 -2.43
N ALA C 636 12.63 -16.67 -1.53
CA ALA C 636 13.55 -15.56 -1.28
C ALA C 636 14.96 -16.00 -0.85
N PRO C 637 15.16 -16.96 0.06
CA PRO C 637 16.56 -17.37 0.36
C PRO C 637 17.35 -17.81 -0.85
N HIS C 638 16.73 -18.55 -1.79
CA HIS C 638 17.49 -18.99 -2.95
C HIS C 638 17.92 -17.80 -3.80
N GLN C 639 17.05 -16.78 -3.92
CA GLN C 639 17.44 -15.59 -4.68
C GLN C 639 18.61 -14.88 -3.99
N ILE C 640 18.50 -14.63 -2.69
CA ILE C 640 19.47 -13.77 -2.00
C ILE C 640 20.86 -14.41 -2.02
N LEU C 641 20.95 -15.66 -1.59
CA LEU C 641 22.24 -16.35 -1.62
C LEU C 641 22.82 -16.38 -3.03
N ALA C 642 21.95 -16.54 -4.05
CA ALA C 642 22.46 -16.66 -5.41
C ALA C 642 22.92 -15.32 -5.95
N TRP C 643 22.23 -14.25 -5.60
CA TRP C 643 22.66 -12.92 -6.02
C TRP C 643 24.07 -12.62 -5.52
N GLU C 644 24.32 -12.86 -4.23
CA GLU C 644 25.61 -12.49 -3.67
C GLU C 644 26.69 -13.45 -4.15
N GLY C 645 26.37 -14.75 -4.20
CA GLY C 645 27.31 -15.70 -4.77
C GLY C 645 27.80 -15.29 -6.14
N LEU C 646 26.86 -15.03 -7.06
CA LEU C 646 27.24 -14.62 -8.42
C LEU C 646 28.06 -13.33 -8.42
N ARG C 647 27.66 -12.35 -7.59
CA ARG C 647 28.46 -11.13 -7.44
C ARG C 647 29.92 -11.46 -7.09
N SER C 648 30.12 -12.34 -6.11
CA SER C 648 31.47 -12.71 -5.63
C SER C 648 32.38 -13.16 -6.75
N TYR C 649 31.83 -13.87 -7.74
CA TYR C 649 32.60 -14.52 -8.79
C TYR C 649 32.66 -13.70 -10.06
N GLY C 650 32.25 -12.43 -10.00
CA GLY C 650 32.32 -11.55 -11.15
C GLY C 650 31.08 -11.52 -12.03
N TYR C 651 29.99 -12.13 -11.59
CA TYR C 651 28.77 -12.21 -12.39
C TYR C 651 27.68 -11.26 -11.88
N LEU C 652 28.08 -10.07 -11.41
CA LEU C 652 27.12 -9.07 -10.97
C LEU C 652 26.11 -8.77 -12.08
N THR C 653 26.58 -8.76 -13.32
CA THR C 653 25.71 -8.56 -14.47
C THR C 653 24.62 -9.63 -14.53
N VAL C 654 24.86 -10.82 -13.97
CA VAL C 654 23.83 -11.85 -13.98
C VAL C 654 22.86 -11.66 -12.82
N THR C 655 23.40 -11.27 -11.67
CA THR C 655 22.56 -10.89 -10.54
C THR C 655 21.56 -9.82 -10.93
N ASN C 656 22.00 -8.79 -11.67
CA ASN C 656 21.12 -7.69 -12.05
C ASN C 656 19.89 -8.22 -12.78
N ARG C 657 20.11 -9.10 -13.76
CA ARG C 657 19.00 -9.70 -14.49
C ARG C 657 18.10 -10.51 -13.57
N LEU C 658 18.71 -11.37 -12.74
CA LEU C 658 17.90 -12.22 -11.88
C LEU C 658 17.11 -11.39 -10.87
N ALA C 659 17.70 -10.29 -10.35
CA ALA C 659 17.00 -9.45 -9.40
C ALA C 659 15.85 -8.69 -10.08
N TYR C 660 16.07 -8.21 -11.31
CA TYR C 660 14.99 -7.56 -12.03
C TYR C 660 13.79 -8.48 -12.22
N ARG C 661 14.03 -9.75 -12.55
CA ARG C 661 12.95 -10.72 -12.69
C ARG C 661 12.19 -10.86 -11.39
N TRP C 662 12.90 -11.10 -10.29
CA TRP C 662 12.25 -11.30 -9.00
C TRP C 662 11.58 -10.03 -8.53
N LEU C 663 12.21 -8.87 -8.76
CA LEU C 663 11.60 -7.63 -8.30
C LEU C 663 10.37 -7.30 -9.12
N PHE C 664 10.41 -7.54 -10.43
CA PHE C 664 9.20 -7.31 -11.23
C PHE C 664 8.05 -8.17 -10.72
N MET C 665 8.33 -9.44 -10.42
CA MET C 665 7.26 -10.35 -10.02
C MET C 665 6.62 -9.90 -8.73
N MET C 666 7.42 -9.51 -7.74
CA MET C 666 6.85 -9.01 -6.49
C MET C 666 6.09 -7.70 -6.72
N THR C 667 6.63 -6.79 -7.55
CA THR C 667 5.97 -5.51 -7.79
C THR C 667 4.63 -5.70 -8.51
N LYS C 668 4.62 -6.49 -9.59
CA LYS C 668 3.37 -6.79 -10.29
C LYS C 668 2.29 -7.28 -9.33
N ALA C 669 2.62 -8.22 -8.44
CA ALA C 669 1.63 -8.70 -7.49
C ALA C 669 1.23 -7.59 -6.51
N PHE C 670 2.18 -6.76 -6.12
CA PHE C 670 1.88 -5.66 -5.21
C PHE C 670 0.89 -4.68 -5.86
N VAL C 671 1.15 -4.30 -7.11
CA VAL C 671 0.31 -3.31 -7.81
C VAL C 671 -1.08 -3.87 -8.06
N ASP C 672 -1.16 -5.06 -8.65
CA ASP C 672 -2.39 -5.61 -9.18
C ASP C 672 -3.28 -6.27 -8.14
N TYR C 673 -2.76 -6.53 -6.94
CA TYR C 673 -3.49 -7.37 -5.98
C TYR C 673 -3.44 -6.78 -4.57
N ASN C 674 -3.66 -5.47 -4.48
CA ASN C 674 -3.95 -4.81 -3.21
C ASN C 674 -2.74 -4.85 -2.27
N GLY C 675 -1.55 -4.68 -2.84
CA GLY C 675 -0.34 -4.54 -2.04
C GLY C 675 0.13 -5.80 -1.34
N ILE C 676 -0.23 -6.96 -1.86
CA ILE C 676 0.05 -8.21 -1.16
C ILE C 676 1.54 -8.52 -1.22
N VAL C 677 2.04 -9.15 -0.16
CA VAL C 677 3.35 -9.80 -0.15
C VAL C 677 3.13 -11.18 0.40
N VAL C 678 3.82 -12.16 -0.18
CA VAL C 678 3.47 -13.56 -0.05
C VAL C 678 4.69 -14.40 0.35
N GLU C 679 4.42 -15.58 0.94
CA GLU C 679 5.46 -16.44 1.51
C GLU C 679 6.45 -16.91 0.46
N LYS C 680 5.94 -17.38 -0.69
CA LYS C 680 6.77 -17.75 -1.84
C LYS C 680 5.97 -17.49 -3.11
N TYR C 681 6.66 -17.46 -4.23
CA TYR C 681 6.05 -17.11 -5.50
C TYR C 681 6.14 -18.26 -6.49
N ASP C 682 5.23 -18.23 -7.46
CA ASP C 682 5.33 -19.06 -8.65
C ASP C 682 6.14 -18.30 -9.69
N VAL C 683 7.36 -18.75 -9.97
CA VAL C 683 8.20 -17.93 -10.83
C VAL C 683 7.97 -18.21 -12.30
N THR C 684 6.98 -19.06 -12.61
CA THR C 684 6.53 -19.27 -13.99
C THR C 684 5.16 -18.67 -14.30
N ARG C 685 4.47 -18.11 -13.32
CA ARG C 685 3.11 -17.60 -13.46
C ARG C 685 3.15 -16.12 -13.81
N GLY C 686 2.44 -15.73 -14.88
CA GLY C 686 2.51 -14.35 -15.37
C GLY C 686 1.51 -13.36 -14.78
N THR C 687 0.30 -13.83 -14.49
CA THR C 687 -0.72 -12.89 -14.04
C THR C 687 -0.75 -12.77 -12.52
N ASP C 688 -0.81 -13.91 -11.82
CA ASP C 688 -0.95 -13.95 -10.37
C ASP C 688 0.15 -14.84 -9.78
N PRO C 689 1.41 -14.41 -9.86
CA PRO C 689 2.52 -15.27 -9.37
C PRO C 689 2.47 -15.54 -7.87
N HIS C 690 1.70 -14.75 -7.12
CA HIS C 690 1.54 -14.89 -5.68
C HIS C 690 0.58 -15.99 -5.28
N ARG C 691 -0.13 -16.58 -6.25
CA ARG C 691 -1.02 -17.71 -6.00
C ARG C 691 -0.19 -18.98 -5.99
N VAL C 692 -0.06 -19.59 -4.83
CA VAL C 692 0.71 -20.81 -4.68
C VAL C 692 -0.15 -21.71 -3.79
N GLU C 693 -0.65 -22.80 -4.35
CA GLU C 693 -1.55 -23.66 -3.60
C GLU C 693 -0.85 -24.94 -3.12
N ALA C 694 0.49 -24.99 -3.20
CA ALA C 694 1.22 -26.20 -2.83
C ALA C 694 1.16 -26.45 -1.34
N GLU C 695 1.15 -27.74 -0.97
CA GLU C 695 1.00 -28.18 0.42
C GLU C 695 -0.09 -27.39 1.13
N TYR C 696 0.27 -26.54 2.10
CA TYR C 696 -0.74 -25.72 2.78
C TYR C 696 -0.92 -24.33 2.16
N GLY C 697 -0.22 -24.04 1.06
CA GLY C 697 -0.50 -22.84 0.28
C GLY C 697 -0.16 -21.53 0.96
N ASN C 698 -0.27 -20.44 0.22
CA ASN C 698 0.00 -19.12 0.78
C ASN C 698 -1.22 -18.63 1.56
N GLN C 699 -0.95 -17.96 2.70
CA GLN C 699 -1.96 -17.26 3.49
C GLN C 699 -1.71 -15.76 3.54
N GLY C 700 -0.67 -15.26 2.87
CA GLY C 700 -0.41 -13.81 2.84
C GLY C 700 -1.52 -12.99 2.21
N ALA C 701 -2.49 -13.63 1.56
CA ALA C 701 -3.61 -12.99 0.92
C ALA C 701 -4.81 -12.81 1.85
N ASP C 702 -4.77 -13.42 3.04
CA ASP C 702 -5.87 -13.33 3.98
C ASP C 702 -5.70 -12.06 4.82
N PHE C 703 -6.19 -10.95 4.27
CA PHE C 703 -6.26 -9.66 4.94
C PHE C 703 -7.41 -8.87 4.34
N LYS C 704 -7.87 -7.87 5.08
CA LYS C 704 -8.95 -6.99 4.65
C LYS C 704 -8.44 -5.57 4.58
N GLY C 705 -8.68 -4.90 3.46
CA GLY C 705 -8.28 -3.52 3.29
C GLY C 705 -6.81 -3.31 2.97
N ALA C 706 -5.92 -3.70 3.88
CA ALA C 706 -4.49 -3.38 3.80
C ALA C 706 -3.69 -4.50 4.43
N ALA C 707 -2.69 -5.02 3.70
CA ALA C 707 -1.77 -6.01 4.27
C ALA C 707 -0.82 -5.37 5.28
N THR C 708 -0.52 -6.11 6.35
CA THR C 708 0.13 -5.49 7.52
C THR C 708 1.61 -5.81 7.72
N GLU C 709 2.14 -6.96 7.18
CA GLU C 709 3.52 -7.36 7.51
C GLU C 709 4.32 -8.00 6.40
N GLY C 710 3.72 -8.65 5.41
CA GLY C 710 4.54 -9.45 4.51
C GLY C 710 5.18 -10.63 5.23
N PHE C 711 6.36 -11.02 4.73
CA PHE C 711 7.06 -12.20 5.23
C PHE C 711 8.54 -11.91 5.25
N GLY C 712 9.16 -12.22 6.40
CA GLY C 712 10.51 -11.79 6.73
C GLY C 712 11.51 -11.75 5.60
N TRP C 713 11.90 -12.93 5.10
CA TRP C 713 12.96 -12.97 4.10
C TRP C 713 12.47 -12.50 2.74
N VAL C 714 11.16 -12.55 2.49
CA VAL C 714 10.61 -11.97 1.26
C VAL C 714 10.69 -10.45 1.32
N ASN C 715 10.25 -9.89 2.45
CA ASN C 715 10.48 -8.46 2.72
C ASN C 715 11.94 -8.10 2.50
N ALA C 716 12.85 -8.89 3.09
CA ALA C 716 14.26 -8.57 2.96
C ALA C 716 14.72 -8.68 1.50
N SER C 717 14.21 -9.69 0.76
CA SER C 717 14.68 -9.93 -0.62
C SER C 717 14.40 -8.74 -1.54
N TYR C 718 13.26 -8.05 -1.32
CA TYR C 718 12.89 -6.88 -2.11
C TYR C 718 13.83 -5.70 -1.86
N ILE C 719 14.14 -5.43 -0.60
CA ILE C 719 15.06 -4.35 -0.26
C ILE C 719 16.45 -4.67 -0.77
N LEU C 720 16.91 -5.90 -0.56
CA LEU C 720 18.23 -6.31 -1.01
C LEU C 720 18.32 -6.30 -2.53
N GLY C 721 17.30 -6.81 -3.23
CA GLY C 721 17.36 -6.85 -4.68
C GLY C 721 17.41 -5.46 -5.28
N LEU C 722 16.65 -4.52 -4.71
CA LEU C 722 16.67 -3.16 -5.22
C LEU C 722 18.06 -2.54 -5.15
N LYS C 723 18.92 -2.99 -4.22
CA LYS C 723 20.27 -2.42 -4.12
C LYS C 723 21.04 -2.60 -5.42
N TYR C 724 20.72 -3.64 -6.20
CA TYR C 724 21.40 -3.87 -7.47
C TYR C 724 20.86 -3.01 -8.60
N MET C 725 19.64 -2.50 -8.47
CA MET C 725 19.00 -1.80 -9.58
C MET C 725 19.50 -0.36 -9.69
N ASN C 726 19.93 0.02 -10.90
CA ASN C 726 20.22 1.41 -11.18
C ASN C 726 18.92 2.18 -11.46
N SER C 727 19.06 3.46 -11.82
CA SER C 727 17.91 4.33 -11.95
C SER C 727 16.99 3.88 -13.08
N HIS C 728 17.56 3.47 -14.22
CA HIS C 728 16.74 3.06 -15.35
C HIS C 728 15.88 1.87 -14.97
N ALA C 729 16.45 0.91 -14.22
CA ALA C 729 15.73 -0.30 -13.85
C ALA C 729 14.71 -0.03 -12.75
N ARG C 730 15.05 0.82 -11.78
CA ARG C 730 14.06 1.22 -10.78
C ARG C 730 12.87 1.89 -11.45
N ARG C 731 13.11 2.77 -12.41
CA ARG C 731 12.02 3.45 -13.09
C ARG C 731 11.17 2.48 -13.88
N ALA C 732 11.79 1.46 -14.50
CA ALA C 732 11.01 0.49 -15.27
C ALA C 732 10.22 -0.44 -14.37
N LEU C 733 10.79 -0.83 -13.22
CA LEU C 733 9.99 -1.56 -12.26
C LEU C 733 8.83 -0.70 -11.75
N GLY C 734 9.06 0.60 -11.57
CA GLY C 734 8.01 1.47 -11.09
C GLY C 734 6.86 1.60 -12.06
N ALA C 735 7.13 1.44 -13.36
CA ALA C 735 6.13 1.52 -14.41
C ALA C 735 5.63 0.14 -14.84
N CYS C 736 5.98 -0.90 -14.09
CA CYS C 736 5.49 -2.25 -14.30
C CYS C 736 5.88 -2.80 -15.68
N ILE C 737 7.15 -2.64 -16.04
CA ILE C 737 7.67 -3.14 -17.31
C ILE C 737 8.15 -4.58 -17.12
N PRO C 738 7.53 -5.56 -17.77
CA PRO C 738 7.97 -6.95 -17.61
C PRO C 738 9.37 -7.17 -18.13
N PRO C 739 10.09 -8.18 -17.60
CA PRO C 739 11.49 -8.40 -18.04
C PRO C 739 11.64 -8.53 -19.55
N ILE C 740 10.73 -9.25 -20.21
CA ILE C 740 10.87 -9.43 -21.66
C ILE C 740 10.94 -8.08 -22.37
N SER C 741 10.17 -7.09 -21.89
CA SER C 741 10.11 -5.77 -22.52
C SER C 741 11.22 -4.85 -22.06
N PHE C 742 11.59 -4.92 -20.79
CA PHE C 742 12.71 -4.13 -20.30
C PHE C 742 14.01 -4.52 -21.03
N PHE C 743 14.32 -5.83 -21.05
CA PHE C 743 15.55 -6.29 -21.70
C PHE C 743 15.57 -5.95 -23.20
N SER C 744 14.44 -6.16 -23.89
CA SER C 744 14.46 -5.91 -25.32
C SER C 744 14.46 -4.43 -25.65
N SER C 745 14.15 -3.57 -24.69
CA SER C 745 14.23 -2.12 -24.90
C SER C 745 15.65 -1.57 -24.73
N LEU C 746 16.58 -2.35 -24.16
CA LEU C 746 17.92 -1.84 -23.93
C LEU C 746 18.68 -1.63 -25.23
N ARG C 747 19.37 -0.49 -25.31
CA ARG C 747 20.39 -0.31 -26.33
C ARG C 747 21.43 -1.42 -26.19
N PRO C 748 22.06 -1.85 -27.28
CA PRO C 748 22.98 -3.01 -27.18
C PRO C 748 24.15 -2.80 -26.22
N GLN C 749 24.56 -1.56 -25.96
CA GLN C 749 25.58 -1.32 -24.95
C GLN C 749 25.06 -1.67 -23.55
N GLU C 750 23.86 -1.19 -23.21
CA GLU C 750 23.27 -1.45 -21.90
C GLU C 750 22.79 -2.88 -21.74
N ARG C 751 22.60 -3.63 -22.83
CA ARG C 751 22.26 -5.05 -22.73
C ARG C 751 23.28 -5.79 -21.88
N ASN C 752 24.53 -5.34 -21.90
CA ASN C 752 25.60 -6.01 -21.20
C ASN C 752 25.45 -5.90 -19.68
N LEU C 753 24.80 -4.85 -19.20
CA LEU C 753 24.60 -4.68 -17.76
C LEU C 753 23.76 -5.79 -17.14
N TYR C 754 23.02 -6.55 -17.95
CA TYR C 754 22.17 -7.64 -17.49
C TYR C 754 22.63 -8.98 -18.07
N GLY C 755 23.88 -9.04 -18.52
CA GLY C 755 24.46 -10.31 -18.96
C GLY C 755 23.81 -10.91 -20.17
N LEU C 756 23.40 -10.07 -21.13
CA LEU C 756 22.68 -10.52 -22.34
C LEU C 756 23.51 -10.28 -23.59
#